data_5ZES
#
_entry.id   5ZES
#
_cell.length_a   171.810
_cell.length_b   78.698
_cell.length_c   53.605
_cell.angle_alpha   90.00
_cell.angle_beta   90.87
_cell.angle_gamma   90.00
#
_symmetry.space_group_name_H-M   'C 1 2 1'
#
loop_
_entity.id
_entity.type
_entity.pdbx_description
1 polymer 'UDP-glucose:tetrahydrobiopterin glucosyltransferase'
2 non-polymer "URIDINE-5'-DIPHOSPHATE"
3 non-polymer GLYCEROL
4 water water
#
_entity_poly.entity_id   1
_entity_poly.type   'polypeptide(L)'
_entity_poly.pdbx_seq_one_letter_code
;TAHRFLFVSTPVGPLGSGRGGGVELTLPNLAKALTQRGHQVSVLAPAGSVLPDLPLETVPGTWQSTAQSHGRATPAEIPA
ESVLARLWDRAHQQQADFDLILNFAYDWLPLYLTPFFKTPVAHLIS(MSE)GSLSEV(MSE)DQAIATSLDRYPGSIAVH
SLAQAATFPFGDRCLCIGNALDLAAYGFNPEPEPVLGWVGRIAPEKGLEDAIQAAQQAGLPLRVWGALTEPDYWQRLQQQ
FGDRAVSYQGFVSTDELQRGLGRCQGLL(MSE)TPKWVEAFGNVAIEALACGLPVIAYARGGPLEIIEQGKSGWLVEPDQ
QAALVNAIGQLSSLDRAYCRAQAEARFSLAA(MSE)GQRLEAWLLPLLS
;
_entity_poly.pdbx_strand_id   A,B
#
# COMPACT_ATOMS: atom_id res chain seq x y z
N THR A 1 -17.68 14.74 -32.95
CA THR A 1 -17.61 13.96 -31.68
C THR A 1 -16.13 13.43 -31.49
N ALA A 2 -15.15 14.35 -31.58
CA ALA A 2 -13.75 14.07 -31.13
C ALA A 2 -13.67 14.17 -29.62
N HIS A 3 -12.71 13.47 -29.03
CA HIS A 3 -12.65 13.29 -27.58
C HIS A 3 -11.24 13.50 -27.07
N ARG A 4 -11.13 13.74 -25.76
CA ARG A 4 -9.82 13.95 -25.10
C ARG A 4 -9.45 12.80 -24.13
N PHE A 5 -8.33 12.17 -24.39
CA PHE A 5 -7.89 11.04 -23.63
C PHE A 5 -6.58 11.29 -22.88
N LEU A 6 -6.43 10.81 -21.66
CA LEU A 6 -5.20 10.88 -20.96
C LEU A 6 -4.75 9.47 -20.73
N PHE A 7 -3.56 9.16 -21.19
CA PHE A 7 -2.98 7.82 -21.02
C PHE A 7 -1.96 7.90 -19.89
N VAL A 8 -2.10 7.01 -18.92
CA VAL A 8 -1.16 6.91 -17.85
C VAL A 8 -0.31 5.68 -17.92
N SER A 9 0.99 5.95 -17.97
CA SER A 9 1.94 4.92 -18.20
C SER A 9 2.25 4.10 -17.00
N THR A 10 3.05 3.08 -17.25
CA THR A 10 3.57 2.24 -16.15
C THR A 10 4.55 2.96 -15.25
N PRO A 11 4.49 2.65 -13.94
CA PRO A 11 5.45 3.25 -13.08
C PRO A 11 6.74 2.49 -12.96
N VAL A 12 6.99 1.44 -13.77
CA VAL A 12 8.20 0.65 -13.54
C VAL A 12 9.42 1.38 -14.09
N GLY A 13 9.23 2.30 -15.03
CA GLY A 13 10.36 3.19 -15.38
C GLY A 13 9.96 4.07 -16.55
N PRO A 14 10.87 4.95 -17.01
CA PRO A 14 10.62 5.86 -18.15
C PRO A 14 10.26 5.15 -19.42
N LEU A 15 9.34 5.73 -20.20
CA LEU A 15 9.23 5.38 -21.60
C LEU A 15 10.57 5.63 -22.36
N GLY A 16 11.06 4.61 -23.04
CA GLY A 16 12.33 4.64 -23.71
C GLY A 16 13.44 3.87 -23.01
N SER A 17 13.28 3.61 -21.72
CA SER A 17 14.31 2.92 -20.96
C SER A 17 14.32 1.40 -21.16
N GLY A 18 13.27 0.83 -21.74
CA GLY A 18 13.10 -0.62 -21.82
C GLY A 18 12.64 -1.28 -20.53
N ARG A 19 12.62 -0.60 -19.40
CA ARG A 19 12.19 -1.24 -18.16
C ARG A 19 10.73 -1.65 -18.15
N GLY A 20 9.85 -0.97 -18.90
CA GLY A 20 8.43 -1.28 -18.94
C GLY A 20 8.00 -2.29 -20.01
N GLY A 21 8.93 -3.00 -20.63
CA GLY A 21 8.52 -4.04 -21.61
C GLY A 21 7.68 -3.51 -22.76
N GLY A 22 6.83 -4.38 -23.29
CA GLY A 22 5.93 -4.11 -24.36
C GLY A 22 5.04 -2.91 -24.18
N VAL A 23 4.75 -2.52 -22.94
CA VAL A 23 3.97 -1.29 -22.69
C VAL A 23 4.57 -0.04 -23.34
N GLU A 24 5.90 0.01 -23.44
CA GLU A 24 6.62 1.12 -24.06
C GLU A 24 6.38 1.20 -25.54
N LEU A 25 5.96 0.11 -26.17
CA LEU A 25 5.57 0.17 -27.59
C LEU A 25 4.05 0.36 -27.76
N THR A 26 3.28 -0.35 -26.95
CA THR A 26 1.81 -0.30 -26.97
C THR A 26 1.19 1.05 -26.73
N LEU A 27 1.63 1.76 -25.68
CA LEU A 27 1.04 3.04 -25.35
C LEU A 27 1.23 4.11 -26.48
N PRO A 28 2.42 4.27 -27.06
CA PRO A 28 2.53 5.23 -28.20
C PRO A 28 1.78 4.81 -29.45
N ASN A 29 1.77 3.52 -29.73
CA ASN A 29 0.94 3.02 -30.83
C ASN A 29 -0.54 3.21 -30.64
N LEU A 30 -1.08 2.87 -29.47
CA LEU A 30 -2.51 3.13 -29.22
C LEU A 30 -2.80 4.63 -29.22
N ALA A 31 -1.87 5.46 -28.73
CA ALA A 31 -2.06 6.92 -28.77
C ALA A 31 -2.13 7.37 -30.23
N LYS A 32 -1.25 6.83 -31.03
CA LYS A 32 -1.25 7.14 -32.48
C LYS A 32 -2.51 6.66 -33.20
N ALA A 33 -2.99 5.46 -32.87
CA ALA A 33 -4.25 4.93 -33.41
C ALA A 33 -5.41 5.91 -33.21
N LEU A 34 -5.56 6.43 -31.99
CA LEU A 34 -6.62 7.42 -31.70
C LEU A 34 -6.42 8.77 -32.33
N THR A 35 -5.21 9.30 -32.25
CA THR A 35 -4.96 10.63 -32.85
C THR A 35 -5.22 10.61 -34.38
N GLN A 36 -4.94 9.50 -35.03
CA GLN A 36 -5.31 9.34 -36.46
C GLN A 36 -6.79 9.37 -36.77
N ARG A 37 -7.65 9.11 -35.79
CA ARG A 37 -9.08 9.24 -35.99
C ARG A 37 -9.62 10.57 -35.48
N GLY A 38 -8.74 11.56 -35.30
CA GLY A 38 -9.13 12.90 -34.85
C GLY A 38 -9.17 13.14 -33.34
N HIS A 39 -8.97 12.14 -32.48
CA HIS A 39 -9.02 12.40 -31.02
C HIS A 39 -7.75 13.10 -30.50
N GLN A 40 -7.82 13.73 -29.34
CA GLN A 40 -6.62 14.22 -28.65
C GLN A 40 -6.14 13.24 -27.58
N VAL A 41 -4.86 12.99 -27.54
CA VAL A 41 -4.25 12.11 -26.56
C VAL A 41 -3.11 12.82 -25.90
N SER A 42 -3.13 12.83 -24.58
CA SER A 42 -1.96 13.26 -23.79
C SER A 42 -1.49 12.08 -22.93
N VAL A 43 -0.22 12.11 -22.59
CA VAL A 43 0.36 11.04 -21.81
C VAL A 43 0.97 11.58 -20.52
N LEU A 44 0.87 10.81 -19.45
CA LEU A 44 1.54 11.09 -18.22
C LEU A 44 2.43 9.89 -17.85
N ALA A 45 3.68 10.14 -17.47
CA ALA A 45 4.72 9.04 -17.31
C ALA A 45 5.83 9.46 -16.37
N PRO A 46 6.66 8.52 -15.90
CA PRO A 46 7.81 8.92 -15.09
C PRO A 46 8.82 9.85 -15.77
N ALA A 47 9.46 10.67 -14.95
CA ALA A 47 10.57 11.54 -15.35
C ALA A 47 11.60 10.75 -16.09
N GLY A 48 12.08 11.31 -17.18
CA GLY A 48 13.07 10.63 -18.01
C GLY A 48 12.45 10.08 -19.28
N SER A 49 11.11 10.05 -19.36
CA SER A 49 10.40 9.47 -20.51
C SER A 49 10.52 10.36 -21.73
N VAL A 50 10.51 9.71 -22.87
CA VAL A 50 10.51 10.40 -24.16
C VAL A 50 9.36 9.90 -24.97
N LEU A 51 8.71 10.77 -25.72
CA LEU A 51 7.57 10.39 -26.58
C LEU A 51 7.54 11.31 -27.78
N PRO A 52 7.94 10.82 -28.97
CA PRO A 52 7.82 11.74 -30.15
C PRO A 52 6.37 12.21 -30.38
N ASP A 53 6.20 13.48 -30.77
CA ASP A 53 4.90 14.04 -31.29
C ASP A 53 3.76 14.37 -30.34
N LEU A 54 3.65 13.76 -29.18
CA LEU A 54 2.44 13.91 -28.38
C LEU A 54 2.74 14.70 -27.15
N PRO A 55 1.72 15.38 -26.55
CA PRO A 55 1.86 16.06 -25.27
C PRO A 55 2.21 15.03 -24.25
N LEU A 56 3.30 15.27 -23.54
CA LEU A 56 3.66 14.42 -22.46
C LEU A 56 3.93 15.22 -21.20
N GLU A 57 3.48 14.70 -20.07
CA GLU A 57 3.80 15.28 -18.80
C GLU A 57 4.50 14.23 -17.98
N THR A 58 5.64 14.56 -17.38
CA THR A 58 6.37 13.62 -16.56
C THR A 58 6.43 14.04 -15.09
N VAL A 59 6.65 13.06 -14.23
CA VAL A 59 6.59 13.26 -12.81
C VAL A 59 7.79 12.55 -12.22
N PRO A 60 8.57 13.23 -11.40
CA PRO A 60 9.67 12.46 -10.75
C PRO A 60 9.20 11.52 -9.64
N GLY A 61 10.10 10.64 -9.25
CA GLY A 61 9.93 9.81 -8.09
C GLY A 61 10.46 8.41 -8.30
N THR A 62 10.32 7.60 -7.27
CA THR A 62 10.82 6.26 -7.25
C THR A 62 9.97 5.27 -8.08
N TRP A 63 10.67 4.52 -8.93
CA TRP A 63 10.05 3.51 -9.79
C TRP A 63 9.44 2.35 -9.06
N GLN A 64 8.31 1.86 -9.56
CA GLN A 64 7.65 0.67 -9.03
C GLN A 64 8.56 -0.53 -9.40
N SER A 65 8.43 -1.61 -8.66
CA SER A 65 9.28 -2.79 -8.89
C SER A 65 8.57 -3.68 -9.90
N THR A 66 9.33 -4.54 -10.58
CA THR A 66 8.76 -5.63 -11.44
C THR A 66 7.48 -6.30 -10.85
N ALA A 67 7.49 -6.53 -9.52
CA ALA A 67 6.38 -7.11 -8.69
C ALA A 67 6.32 -8.66 -8.67
N GLN A 68 7.44 -9.28 -9.02
CA GLN A 68 7.59 -10.75 -9.03
C GLN A 68 7.71 -11.26 -7.61
N SER A 69 8.16 -10.37 -6.71
CA SER A 69 8.37 -10.60 -5.27
C SER A 69 7.45 -11.63 -4.63
N HIS A 70 8.00 -12.46 -3.73
CA HIS A 70 7.25 -13.54 -3.08
C HIS A 70 6.59 -14.42 -4.24
N GLY A 71 5.26 -14.53 -4.30
CA GLY A 71 4.54 -15.06 -5.47
C GLY A 71 3.18 -14.36 -5.53
N ARG A 72 2.11 -15.13 -5.37
CA ARG A 72 0.78 -14.60 -5.36
C ARG A 72 0.41 -13.77 -4.10
N ALA A 73 1.21 -13.88 -3.05
CA ALA A 73 0.87 -13.23 -1.76
C ALA A 73 1.53 -11.86 -1.57
N THR A 74 2.25 -11.38 -2.57
CA THR A 74 2.86 -10.09 -2.46
C THR A 74 1.81 -9.00 -2.32
N PRO A 75 1.89 -8.21 -1.25
CA PRO A 75 0.97 -7.08 -1.13
C PRO A 75 1.35 -5.97 -2.12
N ALA A 76 0.40 -5.11 -2.47
CA ALA A 76 0.78 -3.85 -3.16
C ALA A 76 1.64 -2.96 -2.21
N GLU A 77 2.54 -2.21 -2.83
CA GLU A 77 3.58 -1.49 -2.12
C GLU A 77 3.66 -0.05 -2.65
N ILE A 78 3.69 0.91 -1.73
CA ILE A 78 3.83 2.29 -2.10
C ILE A 78 5.01 2.88 -1.29
N PRO A 79 6.16 3.08 -1.96
CA PRO A 79 7.33 3.63 -1.25
C PRO A 79 7.23 5.12 -1.12
N ALA A 80 8.19 5.66 -0.34
CA ALA A 80 8.37 7.10 -0.28
C ALA A 80 8.73 7.55 -1.70
N GLU A 81 8.20 8.71 -2.07
CA GLU A 81 8.40 9.31 -3.36
C GLU A 81 7.87 8.46 -4.54
N SER A 82 6.91 7.56 -4.28
CA SER A 82 6.29 6.69 -5.30
C SER A 82 5.91 7.46 -6.58
N VAL A 83 6.49 7.07 -7.70
CA VAL A 83 6.11 7.72 -8.90
C VAL A 83 4.64 7.40 -9.23
N LEU A 84 4.19 6.19 -8.84
CA LEU A 84 2.84 5.74 -9.14
C LEU A 84 1.81 6.61 -8.45
N ALA A 85 1.99 6.85 -7.14
CA ALA A 85 1.16 7.74 -6.37
C ALA A 85 1.16 9.20 -6.91
N ARG A 86 2.32 9.68 -7.32
CA ARG A 86 2.34 11.03 -7.88
C ARG A 86 1.67 11.08 -9.24
N LEU A 87 1.77 10.04 -10.07
CA LEU A 87 1.08 10.06 -11.39
C LEU A 87 -0.41 10.19 -11.21
N TRP A 88 -0.94 9.40 -10.26
CA TRP A 88 -2.39 9.36 -10.07
C TRP A 88 -2.92 10.60 -9.40
N ASP A 89 -2.08 11.19 -8.56
CA ASP A 89 -2.36 12.49 -8.00
C ASP A 89 -2.44 13.53 -9.10
N ARG A 90 -1.51 13.52 -10.01
CA ARG A 90 -1.57 14.46 -11.14
C ARG A 90 -2.77 14.22 -12.09
N ALA A 91 -3.07 12.96 -12.41
CA ALA A 91 -4.26 12.64 -13.18
C ALA A 91 -5.51 13.20 -12.52
N HIS A 92 -5.58 13.04 -11.22
CA HIS A 92 -6.77 13.52 -10.50
C HIS A 92 -6.95 15.05 -10.60
N GLN A 93 -5.87 15.77 -10.40
CA GLN A 93 -5.92 17.21 -10.45
C GLN A 93 -6.38 17.71 -11.81
N GLN A 94 -6.01 17.00 -12.86
CA GLN A 94 -6.44 17.39 -14.19
C GLN A 94 -7.56 16.58 -14.85
N GLN A 95 -8.29 15.78 -14.07
CA GLN A 95 -9.28 14.88 -14.67
C GLN A 95 -10.33 15.58 -15.56
N ALA A 96 -10.66 16.83 -15.25
CA ALA A 96 -11.67 17.57 -15.99
C ALA A 96 -11.22 18.01 -17.36
N ASP A 97 -9.92 18.00 -17.66
CA ASP A 97 -9.46 18.29 -19.05
C ASP A 97 -9.60 17.10 -20.03
N PHE A 98 -10.23 15.99 -19.60
CA PHE A 98 -10.32 14.76 -20.41
C PHE A 98 -11.68 14.10 -20.29
N ASP A 99 -12.06 13.37 -21.33
CA ASP A 99 -13.25 12.55 -21.31
C ASP A 99 -13.04 11.17 -20.73
N LEU A 100 -11.81 10.68 -20.80
CA LEU A 100 -11.49 9.38 -20.29
C LEU A 100 -9.99 9.29 -20.05
N ILE A 101 -9.65 8.62 -18.96
CA ILE A 101 -8.30 8.27 -18.57
C ILE A 101 -8.11 6.77 -18.78
N LEU A 102 -7.01 6.40 -19.44
CA LEU A 102 -6.70 5.04 -19.75
C LEU A 102 -5.40 4.69 -19.03
N ASN A 103 -5.50 3.79 -18.10
CA ASN A 103 -4.37 3.25 -17.31
C ASN A 103 -3.73 2.05 -17.96
N PHE A 104 -2.41 2.10 -18.09
CA PHE A 104 -1.59 1.04 -18.67
C PHE A 104 -0.81 0.25 -17.63
N ALA A 105 -0.91 0.59 -16.37
CA ALA A 105 -0.05 -0.02 -15.35
C ALA A 105 -0.74 -1.23 -14.69
N TYR A 106 0.04 -2.26 -14.37
CA TYR A 106 -0.46 -3.45 -13.74
C TYR A 106 -0.25 -3.29 -12.20
N ASP A 107 -1.13 -2.50 -11.58
CA ASP A 107 -0.96 -2.08 -10.18
C ASP A 107 -2.29 -1.90 -9.50
N TRP A 108 -2.29 -2.15 -8.21
CA TRP A 108 -3.49 -1.97 -7.39
C TRP A 108 -4.02 -0.52 -7.41
N LEU A 109 -3.14 0.45 -7.24
CA LEU A 109 -3.62 1.79 -6.92
C LEU A 109 -4.59 2.41 -7.94
N PRO A 110 -4.29 2.39 -9.22
CA PRO A 110 -5.27 2.93 -10.20
C PRO A 110 -6.60 2.22 -10.25
N LEU A 111 -6.59 0.94 -9.98
CA LEU A 111 -7.87 0.23 -9.91
C LEU A 111 -8.62 0.68 -8.72
N TYR A 112 -7.93 0.72 -7.57
CA TYR A 112 -8.57 1.22 -6.37
C TYR A 112 -9.16 2.65 -6.47
N LEU A 113 -8.44 3.55 -7.13
CA LEU A 113 -8.85 4.91 -7.30
C LEU A 113 -9.99 5.16 -8.29
N THR A 114 -10.33 4.19 -9.11
CA THR A 114 -11.29 4.43 -10.17
C THR A 114 -12.63 5.11 -9.74
N PRO A 115 -13.32 4.60 -8.68
CA PRO A 115 -14.52 5.27 -8.13
C PRO A 115 -14.27 6.64 -7.55
N PHE A 116 -13.03 6.94 -7.17
CA PHE A 116 -12.70 8.29 -6.63
C PHE A 116 -12.56 9.34 -7.76
N PHE A 117 -12.49 8.88 -9.00
CA PHE A 117 -12.53 9.77 -10.12
C PHE A 117 -13.95 10.05 -10.62
N LYS A 118 -14.19 11.27 -11.09
CA LYS A 118 -15.41 11.63 -11.81
C LYS A 118 -15.26 11.31 -13.30
N THR A 119 -14.14 11.70 -13.92
CA THR A 119 -13.81 11.21 -15.26
C THR A 119 -13.72 9.67 -15.28
N PRO A 120 -14.24 9.01 -16.33
CA PRO A 120 -14.10 7.57 -16.37
C PRO A 120 -12.67 7.13 -16.55
N VAL A 121 -12.32 6.00 -15.93
CA VAL A 121 -11.01 5.40 -16.02
C VAL A 121 -11.11 3.99 -16.55
N ALA A 122 -10.48 3.71 -17.69
CA ALA A 122 -10.42 2.38 -18.22
C ALA A 122 -9.05 1.78 -17.96
N HIS A 123 -8.95 0.48 -18.11
CA HIS A 123 -7.72 -0.25 -17.78
C HIS A 123 -7.35 -1.28 -18.82
N LEU A 124 -6.17 -1.10 -19.39
CA LEU A 124 -5.63 -2.06 -20.35
C LEU A 124 -4.60 -2.86 -19.61
N ILE A 125 -4.93 -4.12 -19.38
CA ILE A 125 -4.12 -5.03 -18.55
C ILE A 125 -3.18 -5.68 -19.52
N SER A 126 -1.88 -5.63 -19.24
CA SER A 126 -0.85 -6.23 -20.12
C SER A 126 -0.27 -7.52 -19.56
N GLY A 128 -0.84 -11.45 -17.53
CA GLY A 128 -1.74 -12.50 -17.00
C GLY A 128 -1.86 -12.38 -15.48
N SER A 129 -2.62 -13.27 -14.88
CA SER A 129 -2.86 -13.31 -13.44
C SER A 129 -1.54 -13.58 -12.68
N LEU A 130 -1.18 -12.74 -11.74
CA LEU A 130 0.08 -12.82 -11.01
C LEU A 130 -0.12 -12.76 -9.52
N SER A 131 -1.17 -12.14 -9.03
CA SER A 131 -1.30 -11.97 -7.56
C SER A 131 -2.71 -11.94 -7.07
N GLU A 132 -2.87 -12.32 -5.80
CA GLU A 132 -4.16 -12.15 -5.14
C GLU A 132 -4.63 -10.71 -5.15
N VAL A 133 -3.72 -9.79 -4.82
CA VAL A 133 -4.12 -8.40 -4.67
C VAL A 133 -4.60 -7.82 -6.02
N ASP A 135 -5.59 -9.67 -8.78
CA ASP A 135 -6.82 -10.38 -9.18
C ASP A 135 -8.03 -9.76 -8.55
N GLN A 136 -7.95 -9.54 -7.25
CA GLN A 136 -9.09 -8.94 -6.57
C GLN A 136 -9.41 -7.51 -6.99
N ALA A 137 -8.38 -6.66 -7.11
CA ALA A 137 -8.62 -5.28 -7.56
C ALA A 137 -9.26 -5.21 -8.93
N ILE A 138 -8.83 -6.05 -9.87
CA ILE A 138 -9.45 -6.09 -11.20
C ILE A 138 -10.87 -6.56 -11.17
N ALA A 139 -11.13 -7.61 -10.41
CA ALA A 139 -12.52 -8.17 -10.28
C ALA A 139 -13.48 -7.16 -9.70
N THR A 140 -13.05 -6.46 -8.67
CA THR A 140 -13.88 -5.48 -8.03
C THR A 140 -14.21 -4.32 -9.01
N SER A 141 -13.22 -3.90 -9.79
CA SER A 141 -13.44 -2.85 -10.77
C SER A 141 -14.39 -3.37 -11.87
N LEU A 142 -14.25 -4.64 -12.25
CA LEU A 142 -15.13 -5.20 -13.26
C LEU A 142 -16.61 -5.24 -12.79
N ASP A 143 -16.79 -5.81 -11.60
CA ASP A 143 -18.04 -5.80 -10.84
C ASP A 143 -18.74 -4.43 -10.87
N ARG A 144 -18.04 -3.34 -10.54
CA ARG A 144 -18.64 -2.02 -10.51
C ARG A 144 -18.68 -1.38 -11.85
N TYR A 145 -17.71 -1.68 -12.71
CA TYR A 145 -17.57 -0.99 -14.00
C TYR A 145 -17.44 -2.01 -15.10
N PRO A 146 -18.56 -2.67 -15.44
CA PRO A 146 -18.50 -3.61 -16.56
C PRO A 146 -17.94 -2.99 -17.87
N GLY A 147 -17.15 -3.76 -18.60
CA GLY A 147 -16.59 -3.30 -19.89
C GLY A 147 -15.36 -2.37 -19.79
N SER A 148 -14.90 -2.11 -18.57
CA SER A 148 -13.84 -1.13 -18.30
C SER A 148 -12.47 -1.75 -18.36
N ILE A 149 -12.40 -3.09 -18.47
CA ILE A 149 -11.15 -3.86 -18.48
C ILE A 149 -10.89 -4.53 -19.85
N ALA A 150 -9.68 -4.34 -20.39
CA ALA A 150 -9.30 -4.94 -21.67
C ALA A 150 -8.01 -5.69 -21.51
N VAL A 151 -7.84 -6.69 -22.38
CA VAL A 151 -6.63 -7.50 -22.44
C VAL A 151 -6.19 -7.53 -23.90
N HIS A 152 -4.99 -8.03 -24.07
CA HIS A 152 -4.41 -8.21 -25.40
C HIS A 152 -4.71 -9.56 -26.06
N SER A 153 -5.02 -10.61 -25.27
CA SER A 153 -5.29 -11.92 -25.84
C SER A 153 -6.20 -12.74 -24.94
N LEU A 154 -6.83 -13.72 -25.56
CA LEU A 154 -7.78 -14.61 -24.93
C LEU A 154 -7.04 -15.53 -24.03
N ALA A 155 -5.82 -15.90 -24.41
CA ALA A 155 -4.97 -16.71 -23.50
C ALA A 155 -4.63 -15.97 -22.20
N GLN A 156 -4.38 -14.67 -22.29
CA GLN A 156 -4.06 -13.87 -21.11
C GLN A 156 -5.34 -13.76 -20.26
N ALA A 157 -6.47 -13.57 -20.91
CA ALA A 157 -7.75 -13.52 -20.23
C ALA A 157 -8.05 -14.78 -19.44
N ALA A 158 -7.67 -15.91 -20.00
CA ALA A 158 -8.00 -17.22 -19.41
C ALA A 158 -7.18 -17.51 -18.16
N THR A 159 -6.13 -16.74 -17.87
CA THR A 159 -5.38 -16.94 -16.62
C THR A 159 -6.16 -16.35 -15.44
N PHE A 160 -7.14 -15.46 -15.70
CA PHE A 160 -8.03 -14.88 -14.69
C PHE A 160 -9.35 -15.64 -14.58
N PRO A 161 -9.93 -15.72 -13.35
CA PRO A 161 -11.25 -16.37 -13.22
C PRO A 161 -12.40 -15.59 -13.82
N PHE A 162 -12.27 -14.27 -13.94
CA PHE A 162 -13.29 -13.42 -14.56
C PHE A 162 -12.96 -13.10 -16.05
N GLY A 163 -12.00 -13.83 -16.64
CA GLY A 163 -11.55 -13.59 -18.02
C GLY A 163 -12.57 -13.37 -19.13
N ASP A 164 -13.69 -14.10 -19.03
CA ASP A 164 -14.79 -13.94 -20.00
C ASP A 164 -15.47 -12.58 -19.90
N ARG A 165 -15.26 -11.86 -18.81
CA ARG A 165 -15.83 -10.53 -18.69
C ARG A 165 -14.85 -9.38 -19.20
N CYS A 166 -13.66 -9.75 -19.67
CA CYS A 166 -12.71 -8.77 -20.20
C CYS A 166 -12.90 -8.70 -21.67
N LEU A 167 -12.59 -7.54 -22.25
CA LEU A 167 -12.70 -7.36 -23.69
C LEU A 167 -11.29 -7.55 -24.26
N CYS A 168 -11.13 -8.36 -25.29
CA CYS A 168 -9.84 -8.55 -25.90
C CYS A 168 -9.67 -7.55 -27.03
N ILE A 169 -8.65 -6.69 -27.02
CA ILE A 169 -8.46 -5.76 -28.17
C ILE A 169 -7.35 -6.15 -29.12
N GLY A 170 -6.71 -7.30 -28.85
CA GLY A 170 -5.61 -7.79 -29.63
C GLY A 170 -4.37 -6.90 -29.57
N ASN A 171 -3.69 -6.82 -30.72
CA ASN A 171 -2.38 -6.23 -30.83
C ASN A 171 -2.28 -5.47 -32.15
N ALA A 172 -1.49 -4.40 -32.17
CA ALA A 172 -1.17 -3.76 -33.41
C ALA A 172 0.14 -3.03 -33.30
N LEU A 173 0.66 -2.64 -34.45
CA LEU A 173 1.95 -1.97 -34.61
C LEU A 173 1.79 -0.88 -35.62
N ASP A 174 2.76 0.02 -35.60
CA ASP A 174 2.81 1.05 -36.60
C ASP A 174 3.49 0.41 -37.82
N LEU A 175 2.75 -0.17 -38.75
CA LEU A 175 3.39 -0.98 -39.81
C LEU A 175 4.37 -0.22 -40.69
N ALA A 176 4.07 1.03 -41.00
CA ALA A 176 4.98 1.90 -41.77
C ALA A 176 6.38 2.04 -41.17
N ALA A 177 6.60 1.73 -39.90
CA ALA A 177 7.96 1.76 -39.34
C ALA A 177 8.78 0.48 -39.61
N TYR A 178 8.16 -0.57 -40.13
CA TYR A 178 8.82 -1.86 -40.27
C TYR A 178 9.03 -2.17 -41.76
N GLY A 179 10.29 -2.44 -42.14
CA GLY A 179 10.66 -2.78 -43.50
C GLY A 179 10.61 -4.29 -43.73
N PHE A 180 9.88 -4.70 -44.75
CA PHE A 180 9.95 -6.05 -45.29
C PHE A 180 11.33 -6.36 -45.90
N ASN A 181 11.91 -7.45 -45.46
CA ASN A 181 13.16 -7.92 -46.00
C ASN A 181 12.97 -9.34 -46.53
N PRO A 182 12.99 -9.53 -47.87
CA PRO A 182 12.82 -10.88 -48.47
C PRO A 182 14.10 -11.74 -48.50
N GLU A 183 15.26 -11.15 -48.17
CA GLU A 183 16.58 -11.85 -48.28
C GLU A 183 17.39 -11.88 -46.98
N PRO A 184 17.10 -12.87 -46.14
CA PRO A 184 17.72 -12.91 -44.82
C PRO A 184 19.10 -13.55 -44.87
N GLU A 185 19.98 -13.15 -43.95
CA GLU A 185 21.20 -13.89 -43.71
C GLU A 185 20.86 -15.19 -42.99
N PRO A 186 21.76 -16.20 -43.04
CA PRO A 186 21.49 -17.43 -42.30
C PRO A 186 21.73 -17.27 -40.80
N VAL A 187 20.84 -16.57 -40.12
CA VAL A 187 20.97 -16.31 -38.68
C VAL A 187 19.55 -16.30 -38.11
N LEU A 188 19.47 -16.49 -36.82
CA LEU A 188 18.25 -16.55 -36.09
C LEU A 188 18.24 -15.36 -35.13
N GLY A 189 17.05 -15.00 -34.69
CA GLY A 189 16.86 -13.85 -33.81
C GLY A 189 16.11 -14.26 -32.55
N TRP A 190 16.32 -13.47 -31.51
CA TRP A 190 15.65 -13.59 -30.23
C TRP A 190 15.54 -12.20 -29.66
N VAL A 191 14.33 -11.83 -29.22
CA VAL A 191 14.06 -10.49 -28.78
C VAL A 191 13.28 -10.59 -27.48
N GLY A 192 13.77 -9.92 -26.44
CA GLY A 192 13.06 -9.78 -25.15
C GLY A 192 13.97 -9.19 -24.05
N ARG A 193 13.40 -8.91 -22.88
CA ARG A 193 14.20 -8.68 -21.67
C ARG A 193 15.15 -9.83 -21.39
N ILE A 194 16.43 -9.50 -21.22
CA ILE A 194 17.44 -10.50 -20.96
C ILE A 194 17.57 -10.71 -19.46
N ALA A 195 17.40 -11.96 -19.03
CA ALA A 195 17.15 -12.25 -17.62
C ALA A 195 16.98 -13.74 -17.50
N PRO A 196 17.23 -14.29 -16.31
CA PRO A 196 16.93 -15.70 -16.06
C PRO A 196 15.48 -16.05 -16.30
N GLU A 197 15.27 -17.34 -16.59
CA GLU A 197 13.95 -17.95 -16.78
C GLU A 197 13.09 -17.32 -17.88
N LYS A 198 13.76 -16.76 -18.90
CA LYS A 198 13.10 -16.19 -20.10
C LYS A 198 13.23 -17.08 -21.35
N GLY A 199 13.95 -18.19 -21.22
CA GLY A 199 14.06 -19.21 -22.27
C GLY A 199 15.24 -19.04 -23.17
N LEU A 200 16.17 -18.18 -22.77
CA LEU A 200 17.24 -17.69 -23.68
C LEU A 200 18.18 -18.83 -23.96
N GLU A 201 18.31 -19.67 -22.93
CA GLU A 201 19.18 -20.85 -22.90
C GLU A 201 18.74 -21.85 -23.96
N ASP A 202 17.43 -22.12 -23.96
CA ASP A 202 16.82 -23.06 -24.90
C ASP A 202 17.00 -22.53 -26.31
N ALA A 203 16.81 -21.24 -26.48
CA ALA A 203 17.00 -20.60 -27.76
C ALA A 203 18.44 -20.75 -28.22
N ILE A 204 19.40 -20.47 -27.32
CA ILE A 204 20.84 -20.58 -27.65
C ILE A 204 21.26 -22.01 -28.05
N GLN A 205 20.91 -22.98 -27.23
CA GLN A 205 21.17 -24.38 -27.51
C GLN A 205 20.64 -24.82 -28.85
N ALA A 206 19.37 -24.49 -29.10
CA ALA A 206 18.71 -24.90 -30.34
C ALA A 206 19.38 -24.28 -31.57
N ALA A 207 19.73 -23.01 -31.51
CA ALA A 207 20.40 -22.36 -32.66
C ALA A 207 21.76 -22.97 -32.98
N GLN A 208 22.50 -23.24 -31.91
CA GLN A 208 23.84 -23.85 -32.05
C GLN A 208 23.76 -25.27 -32.60
N GLN A 209 22.83 -26.05 -32.08
CA GLN A 209 22.59 -27.33 -32.67
C GLN A 209 22.19 -27.24 -34.13
N ALA A 210 21.32 -26.30 -34.48
CA ALA A 210 20.95 -26.13 -35.88
C ALA A 210 22.07 -25.46 -36.67
N GLY A 211 23.15 -25.02 -36.02
CA GLY A 211 24.32 -24.53 -36.73
C GLY A 211 24.11 -23.15 -37.35
N LEU A 212 23.31 -22.32 -36.67
CA LEU A 212 23.03 -20.95 -37.11
C LEU A 212 23.38 -20.05 -35.92
N PRO A 213 24.15 -18.99 -36.15
CA PRO A 213 24.27 -17.96 -35.09
C PRO A 213 22.91 -17.36 -34.64
N LEU A 214 22.83 -17.05 -33.35
CA LEU A 214 21.72 -16.36 -32.75
C LEU A 214 22.09 -14.92 -32.47
N ARG A 215 21.34 -13.96 -33.03
CA ARG A 215 21.43 -12.55 -32.71
C ARG A 215 20.29 -12.20 -31.69
N VAL A 216 20.71 -11.57 -30.59
CA VAL A 216 19.85 -11.30 -29.45
C VAL A 216 19.68 -9.79 -29.26
N TRP A 217 18.43 -9.30 -29.18
CA TRP A 217 18.13 -7.92 -28.84
C TRP A 217 17.29 -7.88 -27.57
N GLY A 218 17.54 -6.86 -26.74
CA GLY A 218 16.74 -6.59 -25.54
C GLY A 218 17.47 -5.86 -24.42
N ALA A 219 16.69 -5.23 -23.53
CA ALA A 219 17.21 -4.62 -22.30
C ALA A 219 17.80 -5.67 -21.36
N LEU A 220 19.01 -5.43 -20.88
CA LEU A 220 19.70 -6.42 -20.02
C LEU A 220 19.44 -6.18 -18.51
N THR A 221 19.99 -7.06 -17.66
CA THR A 221 19.94 -6.90 -16.18
C THR A 221 21.08 -7.70 -15.56
N GLU A 222 22.25 -7.06 -15.38
CA GLU A 222 23.47 -7.69 -14.87
C GLU A 222 24.19 -8.46 -16.00
N PRO A 223 25.32 -7.91 -16.52
CA PRO A 223 26.19 -8.62 -17.50
C PRO A 223 26.81 -9.97 -17.05
N ASP A 224 26.86 -10.26 -15.73
CA ASP A 224 27.25 -11.63 -15.27
C ASP A 224 26.30 -12.62 -15.87
N TYR A 225 25.02 -12.24 -15.91
CA TYR A 225 24.01 -13.11 -16.44
C TYR A 225 24.38 -13.39 -17.90
N TRP A 226 24.76 -12.37 -18.68
CA TRP A 226 25.42 -12.65 -19.99
C TRP A 226 26.57 -13.71 -19.89
N GLN A 227 27.80 -13.29 -19.52
CA GLN A 227 28.99 -14.18 -19.47
C GLN A 227 28.66 -15.58 -18.95
N ARG A 228 29.28 -16.62 -19.53
CA ARG A 228 29.10 -18.09 -19.25
C ARG A 228 28.34 -18.69 -20.41
N LEU A 229 27.56 -17.86 -21.09
CA LEU A 229 27.09 -18.12 -22.44
C LEU A 229 28.20 -18.38 -23.49
N GLN A 230 29.40 -17.81 -23.30
CA GLN A 230 30.49 -17.99 -24.28
C GLN A 230 31.36 -19.17 -23.86
N GLN A 231 31.16 -19.68 -22.65
CA GLN A 231 31.88 -20.85 -22.13
C GLN A 231 30.94 -21.88 -21.45
N GLN A 232 29.65 -21.89 -21.83
CA GLN A 232 28.79 -23.09 -21.84
C GLN A 232 28.31 -23.43 -23.26
N PHE A 233 28.21 -22.39 -24.12
CA PHE A 233 27.83 -22.52 -25.52
C PHE A 233 28.97 -21.98 -26.41
N GLY A 234 29.23 -20.65 -26.38
CA GLY A 234 30.40 -20.08 -27.07
C GLY A 234 30.14 -18.83 -27.88
N ASP A 235 30.74 -18.83 -29.08
CA ASP A 235 30.15 -18.23 -30.28
C ASP A 235 30.78 -16.92 -30.77
N ARG A 236 30.61 -15.83 -30.00
CA ARG A 236 31.05 -14.46 -30.39
C ARG A 236 32.00 -13.90 -29.35
N VAL A 238 25.96 -16.96 -30.02
CA VAL A 238 25.22 -15.84 -29.49
C VAL A 238 25.95 -14.54 -29.70
N SER A 239 25.22 -13.51 -30.10
CA SER A 239 25.77 -12.24 -30.46
C SER A 239 24.80 -11.16 -29.97
N TYR A 240 25.20 -10.40 -28.94
CA TYR A 240 24.33 -9.41 -28.38
C TYR A 240 24.29 -8.09 -29.19
N GLN A 241 23.13 -7.70 -29.68
CA GLN A 241 22.97 -6.54 -30.52
C GLN A 241 22.57 -5.25 -29.78
N GLY A 242 22.47 -5.28 -28.45
CA GLY A 242 21.96 -4.16 -27.65
C GLY A 242 20.46 -4.09 -27.36
N PHE A 243 20.05 -2.95 -26.77
CA PHE A 243 18.68 -2.51 -26.70
C PHE A 243 18.53 -1.31 -27.60
N VAL A 244 17.74 -1.39 -28.66
CA VAL A 244 17.73 -0.29 -29.64
C VAL A 244 16.35 0.24 -29.97
N SER A 245 16.33 1.30 -30.76
CA SER A 245 15.10 1.91 -31.20
C SER A 245 14.37 0.90 -32.05
N THR A 246 13.09 1.18 -32.26
CA THR A 246 12.25 0.44 -33.19
C THR A 246 12.88 0.42 -34.59
N ASP A 247 13.36 1.56 -35.06
CA ASP A 247 13.93 1.60 -36.41
C ASP A 247 15.17 0.71 -36.50
N GLU A 248 16.04 0.74 -35.50
CA GLU A 248 17.20 -0.15 -35.46
C GLU A 248 16.78 -1.64 -35.33
N LEU A 249 15.80 -1.92 -34.48
CA LEU A 249 15.39 -3.28 -34.20
C LEU A 249 14.84 -3.89 -35.47
N GLN A 250 13.97 -3.18 -36.17
CA GLN A 250 13.32 -3.76 -37.32
C GLN A 250 14.34 -3.99 -38.45
N ARG A 251 15.33 -3.10 -38.58
CA ARG A 251 16.32 -3.32 -39.63
C ARG A 251 17.23 -4.49 -39.27
N GLY A 252 17.52 -4.70 -37.98
CA GLY A 252 18.34 -5.83 -37.55
C GLY A 252 17.59 -7.15 -37.70
N LEU A 253 16.39 -7.20 -37.10
CA LEU A 253 15.57 -8.40 -37.05
C LEU A 253 15.16 -8.93 -38.45
N GLY A 254 14.83 -8.03 -39.37
CA GLY A 254 14.60 -8.33 -40.77
C GLY A 254 15.63 -9.19 -41.47
N ARG A 255 16.88 -9.11 -41.02
CA ARG A 255 17.95 -9.94 -41.59
C ARG A 255 17.93 -11.38 -41.15
N CYS A 256 17.10 -11.71 -40.17
CA CYS A 256 17.08 -13.06 -39.62
C CYS A 256 16.19 -13.97 -40.42
N GLN A 257 16.58 -15.23 -40.49
CA GLN A 257 15.75 -16.28 -41.06
C GLN A 257 14.53 -16.58 -40.24
N GLY A 258 14.60 -16.42 -38.93
CA GLY A 258 13.42 -16.68 -38.11
C GLY A 258 13.63 -16.13 -36.72
N LEU A 259 12.56 -16.01 -35.97
CA LEU A 259 12.58 -15.61 -34.58
C LEU A 259 12.20 -16.83 -33.74
N LEU A 260 13.02 -17.06 -32.72
CA LEU A 260 12.79 -18.02 -31.67
C LEU A 260 12.11 -17.41 -30.46
N THR A 262 10.88 -18.95 -26.88
CA THR A 262 11.00 -20.19 -26.12
C THR A 262 10.70 -19.91 -24.63
N PRO A 263 9.59 -19.23 -24.32
CA PRO A 263 9.23 -18.97 -22.91
C PRO A 263 9.02 -20.21 -22.05
N LYS A 264 9.51 -20.13 -20.81
CA LYS A 264 9.33 -21.17 -19.81
C LYS A 264 7.93 -21.18 -19.22
N TRP A 265 7.29 -20.00 -19.18
CA TRP A 265 6.08 -19.82 -18.38
C TRP A 265 4.79 -19.45 -19.08
N VAL A 266 4.76 -18.29 -19.72
CA VAL A 266 3.58 -17.43 -19.79
C VAL A 266 3.99 -16.13 -19.08
N GLU A 267 4.34 -15.01 -19.75
CA GLU A 267 4.54 -14.79 -21.21
C GLU A 267 5.09 -13.32 -21.39
N ALA A 268 5.56 -12.82 -22.54
CA ALA A 268 5.65 -13.41 -23.93
C ALA A 268 4.33 -13.51 -24.77
N PHE A 269 3.47 -12.50 -24.65
CA PHE A 269 2.07 -12.49 -25.20
C PHE A 269 1.88 -12.05 -26.67
N GLY A 270 2.52 -10.96 -27.09
CA GLY A 270 2.17 -10.30 -28.35
C GLY A 270 3.21 -9.53 -29.14
N ASN A 271 3.87 -8.53 -28.51
CA ASN A 271 4.55 -7.51 -29.33
C ASN A 271 5.70 -8.02 -30.21
N VAL A 272 6.57 -8.89 -29.69
CA VAL A 272 7.74 -9.24 -30.47
C VAL A 272 7.39 -10.17 -31.63
N ALA A 273 6.39 -11.06 -31.50
CA ALA A 273 6.04 -11.96 -32.63
C ALA A 273 5.53 -11.17 -33.79
N ILE A 274 4.67 -10.18 -33.56
CA ILE A 274 4.13 -9.35 -34.67
C ILE A 274 5.17 -8.44 -35.33
N GLU A 275 6.14 -7.99 -34.56
CA GLU A 275 7.24 -7.20 -35.11
C GLU A 275 8.05 -8.04 -36.10
N ALA A 276 8.30 -9.27 -35.70
CA ALA A 276 9.04 -10.18 -36.58
C ALA A 276 8.25 -10.44 -37.86
N LEU A 277 6.95 -10.65 -37.72
CA LEU A 277 6.11 -10.81 -38.91
C LEU A 277 6.10 -9.58 -39.80
N ALA A 278 6.05 -8.39 -39.23
CA ALA A 278 6.10 -7.15 -40.01
C ALA A 278 7.38 -6.98 -40.82
N CYS A 279 8.46 -7.57 -40.35
CA CYS A 279 9.70 -7.57 -41.11
C CYS A 279 9.77 -8.68 -42.18
N GLY A 280 8.77 -9.58 -42.22
CA GLY A 280 8.82 -10.83 -42.99
C GLY A 280 9.47 -12.06 -42.38
N LEU A 281 9.57 -12.11 -41.06
CA LEU A 281 10.36 -13.20 -40.41
C LEU A 281 9.40 -14.11 -39.74
N PRO A 282 9.43 -15.37 -40.11
CA PRO A 282 8.58 -16.33 -39.41
C PRO A 282 9.03 -16.56 -37.99
N VAL A 283 8.08 -17.06 -37.22
CA VAL A 283 8.24 -17.27 -35.80
C VAL A 283 8.18 -18.73 -35.49
N ILE A 284 9.14 -19.17 -34.68
CA ILE A 284 9.19 -20.50 -34.12
C ILE A 284 8.95 -20.34 -32.65
N ALA A 285 7.87 -20.86 -32.16
CA ALA A 285 7.56 -20.66 -30.74
C ALA A 285 7.10 -21.96 -30.10
N TYR A 286 7.29 -22.04 -28.79
CA TYR A 286 6.64 -23.08 -27.98
C TYR A 286 5.14 -22.85 -28.07
N ALA A 287 4.38 -23.93 -28.27
CA ALA A 287 2.94 -23.86 -28.36
C ALA A 287 2.38 -23.73 -26.96
N ARG A 288 2.59 -22.57 -26.36
CA ARG A 288 1.89 -22.21 -25.13
C ARG A 288 1.81 -20.71 -25.03
N GLY A 289 0.66 -20.24 -24.55
CA GLY A 289 0.42 -18.82 -24.35
C GLY A 289 -0.15 -18.04 -25.51
N GLY A 290 0.21 -16.76 -25.59
CA GLY A 290 -0.18 -15.84 -26.70
C GLY A 290 0.23 -16.21 -28.14
N PRO A 291 1.47 -16.72 -28.35
CA PRO A 291 1.80 -17.19 -29.72
C PRO A 291 0.72 -18.05 -30.44
N LEU A 292 -0.01 -18.92 -29.75
CA LEU A 292 -1.06 -19.72 -30.47
C LEU A 292 -2.07 -18.89 -31.37
N GLU A 293 -2.43 -17.73 -30.88
CA GLU A 293 -3.37 -16.83 -31.53
C GLU A 293 -2.77 -15.92 -32.60
N ILE A 294 -1.47 -15.82 -32.71
CA ILE A 294 -0.81 -14.85 -33.62
C ILE A 294 -0.29 -15.57 -34.88
N ILE A 295 0.29 -16.75 -34.65
CA ILE A 295 0.96 -17.53 -35.66
C ILE A 295 0.01 -18.52 -36.28
N GLU A 296 0.18 -18.69 -37.57
CA GLU A 296 -0.60 -19.62 -38.34
C GLU A 296 0.34 -20.82 -38.65
N GLN A 297 -0.03 -21.96 -38.12
CA GLN A 297 0.80 -23.11 -38.04
C GLN A 297 1.23 -23.49 -39.44
N GLY A 298 2.54 -23.52 -39.71
CA GLY A 298 3.03 -23.97 -40.97
C GLY A 298 2.93 -22.93 -42.05
N LYS A 299 2.43 -21.72 -41.77
CA LYS A 299 2.36 -20.67 -42.78
C LYS A 299 3.20 -19.45 -42.40
N SER A 300 2.95 -18.87 -41.21
CA SER A 300 3.74 -17.72 -40.70
C SER A 300 4.70 -18.14 -39.56
N GLY A 301 4.79 -19.42 -39.29
CA GLY A 301 5.66 -19.87 -38.27
C GLY A 301 5.43 -21.32 -37.92
N TRP A 302 6.12 -21.76 -36.90
CA TRP A 302 5.93 -23.09 -36.33
C TRP A 302 5.63 -23.03 -34.87
N LEU A 303 4.63 -23.80 -34.45
CA LEU A 303 4.20 -23.85 -33.06
C LEU A 303 4.46 -25.27 -32.58
N VAL A 304 5.42 -25.45 -31.68
CA VAL A 304 5.99 -26.80 -31.47
C VAL A 304 5.79 -27.20 -30.03
N GLU A 305 5.93 -28.48 -29.77
CA GLU A 305 5.79 -29.00 -28.40
C GLU A 305 6.75 -28.24 -27.48
N PRO A 306 6.22 -27.66 -26.38
CA PRO A 306 7.07 -26.98 -25.41
C PRO A 306 8.26 -27.79 -24.92
N ASP A 307 9.36 -27.10 -24.68
CA ASP A 307 10.55 -27.66 -23.99
C ASP A 307 11.24 -28.84 -24.70
N GLN A 308 11.24 -28.87 -26.02
CA GLN A 308 11.89 -29.96 -26.71
C GLN A 308 12.81 -29.39 -27.74
N GLN A 309 14.09 -29.58 -27.50
CA GLN A 309 15.07 -29.01 -28.37
C GLN A 309 14.99 -29.66 -29.81
N ALA A 310 14.69 -30.96 -29.91
CA ALA A 310 14.61 -31.56 -31.24
C ALA A 310 13.47 -30.86 -32.04
N ALA A 311 12.40 -30.48 -31.36
CA ALA A 311 11.29 -29.78 -32.01
C ALA A 311 11.75 -28.45 -32.61
N LEU A 312 12.49 -27.71 -31.81
CA LEU A 312 12.99 -26.42 -32.32
C LEU A 312 13.94 -26.57 -33.45
N VAL A 313 14.85 -27.54 -33.35
CA VAL A 313 15.81 -27.76 -34.43
C VAL A 313 15.10 -28.21 -35.68
N ASN A 314 14.10 -29.08 -35.53
CA ASN A 314 13.29 -29.46 -36.72
C ASN A 314 12.66 -28.23 -37.34
N ALA A 315 12.12 -27.37 -36.51
CA ALA A 315 11.44 -26.16 -37.02
C ALA A 315 12.44 -25.23 -37.70
N ILE A 316 13.63 -25.11 -37.10
CA ILE A 316 14.70 -24.23 -37.68
C ILE A 316 15.01 -24.75 -39.05
N GLY A 317 15.16 -26.09 -39.12
CA GLY A 317 15.24 -26.81 -40.41
C GLY A 317 14.16 -26.55 -41.45
N GLN A 318 12.93 -26.23 -41.04
CA GLN A 318 11.87 -25.94 -41.99
C GLN A 318 11.57 -24.48 -42.22
N LEU A 319 12.49 -23.60 -41.85
CA LEU A 319 12.22 -22.16 -42.04
C LEU A 319 12.01 -21.77 -43.49
N SER A 320 12.77 -22.42 -44.36
CA SER A 320 12.83 -22.14 -45.83
C SER A 320 11.53 -22.28 -46.51
N SER A 321 10.78 -23.28 -46.08
CA SER A 321 9.53 -23.58 -46.72
C SER A 321 8.41 -22.55 -46.42
N LEU A 322 8.60 -21.66 -45.45
CA LEU A 322 7.65 -20.61 -45.12
C LEU A 322 7.91 -19.39 -45.98
N ASP A 323 6.86 -18.70 -46.34
CA ASP A 323 6.96 -17.60 -47.27
C ASP A 323 7.03 -16.31 -46.50
N ARG A 324 8.09 -15.54 -46.70
CA ARG A 324 8.33 -14.37 -45.93
C ARG A 324 7.30 -13.30 -46.27
N ALA A 325 6.92 -13.18 -47.54
CA ALA A 325 5.85 -12.24 -47.97
C ALA A 325 4.51 -12.51 -47.31
N TYR A 326 4.21 -13.81 -47.09
CA TYR A 326 3.01 -14.21 -46.41
C TYR A 326 3.06 -13.67 -44.95
N CYS A 327 4.22 -13.77 -44.28
CA CYS A 327 4.30 -13.27 -42.92
C CYS A 327 3.97 -11.78 -42.89
N ARG A 328 4.55 -11.03 -43.84
CA ARG A 328 4.29 -9.61 -43.97
C ARG A 328 2.84 -9.34 -44.31
N ALA A 329 2.26 -10.07 -45.25
CA ALA A 329 0.84 -9.85 -45.57
C ALA A 329 -0.05 -10.10 -44.31
N GLN A 330 0.27 -11.10 -43.49
CA GLN A 330 -0.55 -11.34 -42.25
C GLN A 330 -0.40 -10.16 -41.26
N ALA A 331 0.80 -9.65 -41.13
CA ALA A 331 1.01 -8.43 -40.30
C ALA A 331 0.10 -7.28 -40.76
N GLU A 332 0.08 -7.01 -42.07
CA GLU A 332 -0.82 -5.97 -42.69
C GLU A 332 -2.30 -6.26 -42.45
N ALA A 333 -2.74 -7.49 -42.65
CA ALA A 333 -4.17 -7.79 -42.55
C ALA A 333 -4.69 -7.81 -41.14
N ARG A 334 -3.86 -8.13 -40.14
CA ARG A 334 -4.32 -8.33 -38.76
C ARG A 334 -3.84 -7.27 -37.73
N PHE A 335 -2.67 -6.69 -37.94
CA PHE A 335 -1.98 -5.98 -36.85
C PHE A 335 -1.80 -4.52 -37.16
N SER A 336 -2.71 -3.94 -37.92
CA SER A 336 -2.56 -2.55 -38.36
C SER A 336 -3.12 -1.58 -37.36
N LEU A 337 -2.58 -0.38 -37.37
CA LEU A 337 -3.08 0.68 -36.49
C LEU A 337 -4.50 1.15 -36.74
N ALA A 338 -4.85 1.32 -38.03
CA ALA A 338 -6.22 1.73 -38.38
C ALA A 338 -7.25 0.75 -37.81
N ALA A 339 -6.96 -0.55 -37.82
CA ALA A 339 -7.96 -1.51 -37.22
C ALA A 339 -7.99 -1.42 -35.69
N GLY A 341 -7.46 1.10 -34.07
CA GLY A 341 -8.15 2.35 -33.84
C GLY A 341 -9.65 2.18 -33.71
N GLN A 342 -10.22 1.41 -34.64
CA GLN A 342 -11.61 0.98 -34.53
C GLN A 342 -11.92 0.18 -33.27
N ARG A 343 -11.10 -0.82 -32.97
CA ARG A 343 -11.30 -1.63 -31.75
C ARG A 343 -11.26 -0.81 -30.46
N LEU A 344 -10.36 0.14 -30.41
CA LEU A 344 -10.19 1.00 -29.22
C LEU A 344 -11.41 1.89 -29.04
N GLU A 345 -11.85 2.53 -30.12
CA GLU A 345 -13.12 3.27 -30.03
C GLU A 345 -14.30 2.41 -29.67
N ALA A 346 -14.45 1.23 -30.25
CA ALA A 346 -15.55 0.36 -29.85
C ALA A 346 -15.49 0.07 -28.38
N TRP A 347 -14.29 -0.11 -27.80
CA TRP A 347 -14.19 -0.33 -26.34
C TRP A 347 -14.50 0.92 -25.48
N LEU A 348 -13.94 2.04 -25.87
CA LEU A 348 -13.84 3.19 -24.96
C LEU A 348 -15.01 4.12 -25.12
N LEU A 349 -15.44 4.38 -26.36
CA LEU A 349 -16.55 5.34 -26.57
C LEU A 349 -17.78 5.11 -25.68
N PRO A 350 -18.23 3.85 -25.51
CA PRO A 350 -19.37 3.59 -24.61
C PRO A 350 -19.11 3.86 -23.13
N LEU A 351 -17.85 3.94 -22.70
CA LEU A 351 -17.52 4.25 -21.29
C LEU A 351 -17.64 5.73 -21.00
N LEU A 352 -17.70 6.59 -22.04
CA LEU A 352 -17.90 8.04 -21.89
C LEU A 352 -19.31 8.31 -21.42
N SER A 353 -19.48 9.26 -20.50
CA SER A 353 -20.81 9.68 -19.96
C SER A 353 -21.98 8.61 -20.03
N THR B 1 -24.94 25.13 15.11
CA THR B 1 -23.62 24.60 15.46
C THR B 1 -23.55 23.06 15.49
N ALA B 2 -24.68 22.33 15.47
CA ALA B 2 -24.62 20.84 15.48
C ALA B 2 -24.28 20.27 14.10
N HIS B 3 -23.37 19.30 14.02
CA HIS B 3 -22.90 18.76 12.75
C HIS B 3 -22.91 17.26 12.77
N ARG B 4 -22.62 16.67 11.62
CA ARG B 4 -22.56 15.21 11.44
C ARG B 4 -21.13 14.79 11.11
N PHE B 5 -20.58 13.92 11.93
CA PHE B 5 -19.26 13.42 11.73
C PHE B 5 -19.27 11.92 11.45
N LEU B 6 -18.37 11.48 10.57
CA LEU B 6 -18.05 10.07 10.47
C LEU B 6 -16.65 9.85 10.99
N PHE B 7 -16.51 8.96 11.97
CA PHE B 7 -15.21 8.53 12.44
C PHE B 7 -14.82 7.25 11.74
N VAL B 8 -13.62 7.23 11.18
CA VAL B 8 -13.12 6.00 10.59
C VAL B 8 -12.03 5.50 11.48
N SER B 9 -12.28 4.31 12.02
CA SER B 9 -11.41 3.70 13.00
C SER B 9 -10.08 3.17 12.43
N THR B 10 -9.23 2.73 13.36
CA THR B 10 -7.94 2.14 13.02
C THR B 10 -8.20 0.79 12.35
N PRO B 11 -7.40 0.44 11.34
CA PRO B 11 -7.40 -0.84 10.69
C PRO B 11 -6.68 -1.90 11.45
N VAL B 12 -6.05 -1.55 12.58
CA VAL B 12 -5.17 -2.54 13.26
C VAL B 12 -5.97 -3.59 14.04
N GLY B 13 -7.19 -3.27 14.46
CA GLY B 13 -8.09 -4.26 14.99
C GLY B 13 -9.45 -3.72 15.36
N PRO B 14 -10.34 -4.59 15.83
CA PRO B 14 -11.69 -4.20 16.23
C PRO B 14 -11.77 -3.28 17.46
N LEU B 15 -12.76 -2.39 17.46
CA LEU B 15 -13.13 -1.68 18.66
C LEU B 15 -13.76 -2.69 19.66
N GLY B 16 -13.39 -2.61 20.93
CA GLY B 16 -14.02 -3.41 21.99
C GLY B 16 -13.44 -4.79 22.24
N SER B 17 -12.28 -5.09 21.66
CA SER B 17 -11.72 -6.45 21.67
C SER B 17 -10.31 -6.55 22.31
N GLY B 18 -9.76 -5.43 22.81
CA GLY B 18 -8.39 -5.38 23.37
C GLY B 18 -7.18 -5.17 22.42
N ARG B 19 -7.36 -4.96 21.11
CA ARG B 19 -6.19 -4.90 20.18
C ARG B 19 -6.28 -3.94 18.95
N GLY B 20 -6.89 -2.76 19.18
CA GLY B 20 -6.74 -1.58 18.30
C GLY B 20 -5.71 -0.56 18.80
N GLY B 21 -4.87 -0.96 19.77
CA GLY B 21 -3.94 -0.05 20.43
C GLY B 21 -4.67 1.02 21.22
N GLY B 22 -4.04 2.19 21.30
CA GLY B 22 -4.61 3.36 21.95
C GLY B 22 -5.87 3.88 21.26
N VAL B 23 -5.97 3.72 19.94
CA VAL B 23 -7.12 4.27 19.17
C VAL B 23 -8.42 3.64 19.62
N GLU B 24 -8.33 2.37 19.93
CA GLU B 24 -9.40 1.63 20.54
C GLU B 24 -10.04 2.33 21.77
N LEU B 25 -9.25 2.95 22.64
CA LEU B 25 -9.80 3.64 23.83
C LEU B 25 -10.23 5.07 23.51
N THR B 26 -9.49 5.74 22.64
CA THR B 26 -9.75 7.16 22.36
C THR B 26 -10.97 7.40 21.47
N LEU B 27 -11.23 6.52 20.51
CA LEU B 27 -12.26 6.80 19.55
C LEU B 27 -13.62 7.00 20.25
N PRO B 28 -14.04 6.07 21.11
CA PRO B 28 -15.31 6.21 21.82
C PRO B 28 -15.36 7.47 22.73
N ASN B 29 -14.26 7.85 23.34
CA ASN B 29 -14.32 8.99 24.22
C ASN B 29 -14.50 10.27 23.37
N LEU B 30 -13.74 10.38 22.29
CA LEU B 30 -13.89 11.50 21.40
C LEU B 30 -15.27 11.57 20.78
N ALA B 31 -15.86 10.42 20.45
CA ALA B 31 -17.21 10.42 19.94
C ALA B 31 -18.19 10.96 21.00
N LYS B 32 -18.05 10.45 22.21
CA LYS B 32 -18.83 10.94 23.34
C LYS B 32 -18.56 12.47 23.52
N ALA B 33 -17.31 12.89 23.41
CA ALA B 33 -16.98 14.28 23.66
C ALA B 33 -17.78 15.17 22.71
N LEU B 34 -18.00 14.73 21.47
CA LEU B 34 -18.88 15.48 20.52
C LEU B 34 -20.38 15.22 20.63
N THR B 35 -20.80 13.98 20.87
CA THR B 35 -22.23 13.69 21.03
C THR B 35 -22.84 14.42 22.24
N GLN B 36 -22.06 14.59 23.27
CA GLN B 36 -22.48 15.40 24.40
C GLN B 36 -22.66 16.91 24.17
N ARG B 37 -22.26 17.41 23.00
CA ARG B 37 -22.49 18.79 22.59
C ARG B 37 -23.58 18.86 21.54
N GLY B 38 -24.29 17.76 21.27
CA GLY B 38 -25.36 17.77 20.30
C GLY B 38 -24.99 17.31 18.90
N HIS B 39 -23.73 16.95 18.67
CA HIS B 39 -23.27 16.52 17.34
C HIS B 39 -23.73 15.06 17.11
N GLN B 40 -23.87 14.67 15.86
CA GLN B 40 -24.02 13.22 15.50
C GLN B 40 -22.69 12.63 15.06
N VAL B 41 -22.41 11.43 15.58
CA VAL B 41 -21.18 10.76 15.25
C VAL B 41 -21.58 9.37 14.82
N SER B 42 -21.11 8.95 13.62
CA SER B 42 -21.25 7.54 13.21
C SER B 42 -19.87 7.06 13.03
N VAL B 43 -19.72 5.76 13.15
CA VAL B 43 -18.43 5.11 13.20
C VAL B 43 -18.35 3.98 12.16
N LEU B 44 -17.24 3.95 11.43
CA LEU B 44 -16.89 2.84 10.51
C LEU B 44 -15.68 2.13 11.07
N ALA B 45 -15.76 0.81 11.21
CA ALA B 45 -14.69 0.03 11.84
C ALA B 45 -14.59 -1.42 11.40
N PRO B 46 -13.51 -2.12 11.79
CA PRO B 46 -13.36 -3.45 11.28
C PRO B 46 -14.41 -4.39 11.86
N ALA B 47 -14.64 -5.48 11.15
CA ALA B 47 -15.56 -6.56 11.57
C ALA B 47 -15.21 -6.99 12.95
N GLY B 48 -16.19 -7.34 13.74
CA GLY B 48 -15.95 -7.74 15.11
C GLY B 48 -16.00 -6.56 16.06
N SER B 49 -16.05 -5.32 15.55
CA SER B 49 -16.14 -4.15 16.42
C SER B 49 -17.43 -4.10 17.25
N VAL B 50 -17.30 -3.61 18.48
CA VAL B 50 -18.43 -3.39 19.36
C VAL B 50 -18.32 -1.97 19.92
N LEU B 51 -19.41 -1.22 19.85
CA LEU B 51 -19.41 0.10 20.37
C LEU B 51 -20.84 0.47 20.84
N PRO B 52 -21.02 0.70 22.14
CA PRO B 52 -22.39 1.04 22.58
C PRO B 52 -22.93 2.37 22.01
N ASP B 53 -24.21 2.41 21.65
CA ASP B 53 -24.96 3.68 21.45
C ASP B 53 -24.69 4.54 20.23
N LEU B 54 -23.68 4.25 19.43
CA LEU B 54 -23.46 5.09 18.25
C LEU B 54 -23.79 4.27 17.02
N PRO B 55 -24.28 4.93 15.96
CA PRO B 55 -24.26 4.18 14.70
C PRO B 55 -22.84 3.59 14.41
N LEU B 56 -22.81 2.28 14.20
CA LEU B 56 -21.57 1.54 13.92
C LEU B 56 -21.82 0.68 12.69
N GLU B 57 -20.95 0.81 11.70
CA GLU B 57 -20.94 -0.06 10.50
C GLU B 57 -19.58 -0.71 10.45
N THR B 58 -19.57 -2.00 10.25
CA THR B 58 -18.34 -2.74 10.24
C THR B 58 -18.04 -3.27 8.85
N VAL B 59 -16.77 -3.48 8.63
CA VAL B 59 -16.20 -3.78 7.34
C VAL B 59 -15.27 -5.00 7.45
N PRO B 60 -15.42 -6.00 6.55
CA PRO B 60 -14.61 -7.20 6.62
C PRO B 60 -13.25 -7.00 6.06
N GLY B 61 -12.29 -7.83 6.45
CA GLY B 61 -10.98 -7.81 5.83
C GLY B 61 -9.81 -8.04 6.75
N THR B 62 -8.62 -8.04 6.17
CA THR B 62 -7.35 -8.25 6.86
C THR B 62 -6.87 -7.00 7.59
N TRP B 63 -6.57 -7.20 8.86
CA TRP B 63 -6.08 -6.16 9.78
C TRP B 63 -4.72 -5.71 9.33
N GLN B 64 -4.48 -4.41 9.47
CA GLN B 64 -3.22 -3.77 9.05
C GLN B 64 -2.16 -4.21 10.05
N SER B 65 -1.06 -4.77 9.56
CA SER B 65 0.05 -5.16 10.45
C SER B 65 0.79 -3.92 10.93
N THR B 66 1.25 -4.01 12.16
CA THR B 66 2.13 -3.03 12.76
C THR B 66 3.61 -3.19 12.23
N ALA B 67 3.93 -4.34 11.62
CA ALA B 67 5.16 -4.57 10.75
C ALA B 67 6.47 -3.78 11.02
N GLN B 68 6.63 -2.62 10.40
CA GLN B 68 7.83 -1.76 10.54
C GLN B 68 9.10 -2.38 9.94
N SER B 69 8.92 -3.27 8.97
CA SER B 69 9.98 -4.16 8.39
C SER B 69 11.43 -3.61 8.28
N HIS B 70 11.67 -2.71 7.31
CA HIS B 70 12.96 -2.05 7.05
C HIS B 70 13.02 -0.59 7.58
N GLY B 71 12.55 -0.40 8.81
CA GLY B 71 12.67 0.89 9.51
C GLY B 71 12.00 2.08 8.82
N ARG B 72 12.72 3.18 8.77
CA ARG B 72 12.18 4.43 8.22
C ARG B 72 11.88 4.39 6.72
N ALA B 73 12.48 3.44 6.04
CA ALA B 73 12.26 3.25 4.61
C ALA B 73 11.19 2.18 4.35
N THR B 74 10.46 1.72 5.37
CA THR B 74 9.36 0.78 5.07
C THR B 74 8.31 1.43 4.18
N PRO B 75 7.98 0.78 3.06
CA PRO B 75 6.90 1.26 2.23
C PRO B 75 5.53 0.99 2.87
N ALA B 76 4.55 1.76 2.45
CA ALA B 76 3.16 1.39 2.74
C ALA B 76 2.81 0.10 1.97
N GLU B 77 2.01 -0.75 2.61
CA GLU B 77 1.65 -2.04 2.03
C GLU B 77 0.15 -2.17 2.03
N ILE B 78 -0.40 -2.67 0.94
CA ILE B 78 -1.80 -3.00 0.93
C ILE B 78 -1.91 -4.48 0.51
N PRO B 79 -2.17 -5.39 1.46
CA PRO B 79 -2.51 -6.76 1.14
C PRO B 79 -3.84 -6.94 0.48
N ALA B 80 -4.04 -8.11 -0.10
CA ALA B 80 -5.37 -8.48 -0.56
C ALA B 80 -6.32 -8.48 0.65
N GLU B 81 -7.56 -8.10 0.38
CA GLU B 81 -8.59 -7.98 1.39
C GLU B 81 -8.33 -6.96 2.48
N SER B 82 -7.41 -6.01 2.24
CA SER B 82 -7.06 -4.94 3.21
C SER B 82 -8.30 -4.32 3.86
N VAL B 83 -8.41 -4.37 5.18
CA VAL B 83 -9.55 -3.68 5.78
C VAL B 83 -9.45 -2.14 5.66
N LEU B 84 -8.24 -1.65 5.67
CA LEU B 84 -8.02 -0.22 5.53
C LEU B 84 -8.58 0.29 4.20
N ALA B 85 -8.25 -0.39 3.10
CA ALA B 85 -8.75 0.02 1.81
C ALA B 85 -10.26 0.04 1.71
N ARG B 86 -10.88 -0.99 2.29
CA ARG B 86 -12.32 -1.13 2.21
C ARG B 86 -13.03 -0.14 3.17
N LEU B 87 -12.45 0.15 4.34
CA LEU B 87 -12.96 1.26 5.18
C LEU B 87 -13.06 2.55 4.36
N TRP B 88 -12.01 2.86 3.62
CA TRP B 88 -11.93 4.15 2.90
C TRP B 88 -12.77 4.20 1.63
N ASP B 89 -12.93 3.04 1.01
CA ASP B 89 -13.83 2.96 -0.14
C ASP B 89 -15.29 3.11 0.35
N ARG B 90 -15.59 2.60 1.54
CA ARG B 90 -16.88 2.77 2.10
C ARG B 90 -17.14 4.15 2.62
N ALA B 91 -16.17 4.74 3.26
CA ALA B 91 -16.33 6.12 3.63
C ALA B 91 -16.58 7.03 2.43
N HIS B 92 -15.86 6.79 1.33
CA HIS B 92 -16.08 7.59 0.13
C HIS B 92 -17.50 7.46 -0.41
N GLN B 93 -18.08 6.26 -0.42
CA GLN B 93 -19.45 6.10 -0.94
C GLN B 93 -20.42 6.96 -0.14
N GLN B 94 -20.18 7.11 1.18
CA GLN B 94 -21.18 7.79 2.02
C GLN B 94 -20.80 9.18 2.45
N GLN B 95 -19.81 9.75 1.79
CA GLN B 95 -19.25 10.98 2.26
C GLN B 95 -20.27 12.14 2.28
N ALA B 96 -21.25 12.14 1.38
CA ALA B 96 -22.18 13.29 1.31
C ALA B 96 -23.17 13.29 2.49
N ASP B 97 -23.20 12.24 3.29
CA ASP B 97 -24.05 12.22 4.52
C ASP B 97 -23.42 12.90 5.76
N PHE B 98 -22.21 13.44 5.62
CA PHE B 98 -21.50 13.96 6.73
C PHE B 98 -20.89 15.29 6.40
N ASP B 99 -20.74 16.12 7.41
CA ASP B 99 -20.01 17.38 7.24
C ASP B 99 -18.52 17.26 7.30
N LEU B 100 -18.04 16.23 7.98
CA LEU B 100 -16.60 15.97 8.07
C LEU B 100 -16.31 14.51 8.45
N ILE B 101 -15.21 14.02 7.97
CA ILE B 101 -14.76 12.68 8.23
C ILE B 101 -13.48 12.74 9.02
N LEU B 102 -13.47 12.07 10.15
CA LEU B 102 -12.28 12.06 10.99
C LEU B 102 -11.58 10.70 10.96
N ASN B 103 -10.33 10.71 10.52
CA ASN B 103 -9.47 9.55 10.43
C ASN B 103 -8.61 9.38 11.67
N PHE B 104 -8.64 8.17 12.19
CA PHE B 104 -7.86 7.78 13.36
C PHE B 104 -6.65 6.92 13.01
N ALA B 105 -6.55 6.48 11.74
CA ALA B 105 -5.52 5.56 11.32
C ALA B 105 -4.20 6.25 11.06
N TYR B 106 -3.14 5.62 11.50
CA TYR B 106 -1.79 6.09 11.20
C TYR B 106 -1.30 5.41 9.92
N ASP B 107 -1.75 5.85 8.75
CA ASP B 107 -1.38 5.18 7.47
C ASP B 107 -1.37 6.14 6.33
N TRP B 108 -0.65 5.74 5.27
CA TRP B 108 -0.47 6.53 4.08
C TRP B 108 -1.82 6.71 3.40
N LEU B 109 -2.57 5.63 3.24
CA LEU B 109 -3.76 5.68 2.37
C LEU B 109 -4.75 6.84 2.62
N PRO B 110 -5.19 7.03 3.89
CA PRO B 110 -6.17 8.10 4.12
C PRO B 110 -5.65 9.49 3.88
N LEU B 111 -4.38 9.72 4.08
CA LEU B 111 -3.81 11.03 3.79
C LEU B 111 -3.79 11.27 2.29
N TYR B 112 -3.37 10.24 1.57
CA TYR B 112 -3.32 10.28 0.10
C TYR B 112 -4.67 10.54 -0.51
N LEU B 113 -5.73 9.95 0.07
CA LEU B 113 -7.09 10.06 -0.47
C LEU B 113 -7.77 11.35 -0.18
N THR B 114 -7.22 12.14 0.74
CA THR B 114 -7.89 13.34 1.19
C THR B 114 -8.41 14.27 0.07
N PRO B 115 -7.58 14.67 -0.94
CA PRO B 115 -8.13 15.45 -2.10
C PRO B 115 -9.13 14.76 -2.97
N PHE B 116 -9.22 13.44 -2.90
CA PHE B 116 -10.17 12.75 -3.73
C PHE B 116 -11.56 12.76 -3.06
N PHE B 117 -11.68 13.33 -1.84
CA PHE B 117 -12.95 13.42 -1.16
C PHE B 117 -13.43 14.85 -1.35
N LYS B 118 -14.74 15.04 -1.54
CA LYS B 118 -15.35 16.36 -1.45
C LYS B 118 -15.65 16.77 0.00
N THR B 119 -16.21 15.90 0.80
CA THR B 119 -16.30 16.18 2.22
C THR B 119 -14.90 16.36 2.89
N PRO B 120 -14.75 17.32 3.76
CA PRO B 120 -13.45 17.47 4.36
C PRO B 120 -13.06 16.28 5.26
N VAL B 121 -11.76 15.94 5.26
CA VAL B 121 -11.23 14.86 6.05
C VAL B 121 -10.18 15.43 6.99
N ALA B 122 -10.26 15.13 8.29
CA ALA B 122 -9.28 15.59 9.27
C ALA B 122 -8.58 14.36 9.77
N HIS B 123 -7.37 14.55 10.30
CA HIS B 123 -6.57 13.41 10.73
C HIS B 123 -5.97 13.60 12.16
N LEU B 124 -6.24 12.64 13.03
CA LEU B 124 -5.77 12.62 14.43
C LEU B 124 -4.69 11.59 14.40
N ILE B 125 -3.48 12.08 14.51
CA ILE B 125 -2.27 11.30 14.44
C ILE B 125 -1.94 10.85 15.85
N SER B 126 -1.73 9.55 16.04
CA SER B 126 -1.54 8.98 17.38
C SER B 126 -0.12 8.50 17.71
N GLY B 128 4.20 9.85 16.93
CA GLY B 128 5.30 9.00 16.71
C GLY B 128 5.64 9.28 15.25
N SER B 129 6.70 10.01 14.94
CA SER B 129 7.23 9.95 13.57
C SER B 129 7.92 8.62 13.36
N LEU B 130 7.53 7.84 12.35
CA LEU B 130 8.07 6.48 12.13
C LEU B 130 8.63 6.10 10.76
N SER B 131 8.23 6.79 9.68
CA SER B 131 8.73 6.41 8.35
C SER B 131 8.67 7.60 7.40
N GLU B 132 9.51 7.55 6.37
CA GLU B 132 9.53 8.59 5.35
C GLU B 132 8.20 8.69 4.61
N VAL B 133 7.59 7.54 4.29
CA VAL B 133 6.36 7.49 3.46
C VAL B 133 5.26 8.19 4.23
N ASP B 135 5.75 10.42 7.04
CA ASP B 135 6.11 11.82 7.22
C ASP B 135 5.78 12.64 5.95
N GLN B 136 6.08 12.11 4.77
CA GLN B 136 5.82 12.87 3.51
C GLN B 136 4.33 13.02 3.21
N ALA B 137 3.54 11.99 3.48
CA ALA B 137 2.08 12.08 3.32
C ALA B 137 1.47 13.13 4.24
N ILE B 138 1.89 13.16 5.50
CA ILE B 138 1.32 14.15 6.42
C ILE B 138 1.73 15.57 6.00
N ALA B 139 3.02 15.76 5.72
CA ALA B 139 3.54 17.07 5.23
C ALA B 139 2.77 17.58 4.02
N THR B 140 2.50 16.70 3.06
CA THR B 140 1.76 17.10 1.86
C THR B 140 0.36 17.45 2.19
N SER B 141 -0.26 16.69 3.09
CA SER B 141 -1.65 16.99 3.48
C SER B 141 -1.73 18.33 4.22
N LEU B 142 -0.73 18.63 5.03
CA LEU B 142 -0.60 19.93 5.69
C LEU B 142 -0.45 21.09 4.77
N ASP B 143 0.40 20.96 3.76
CA ASP B 143 0.55 22.02 2.74
C ASP B 143 -0.74 22.28 2.00
N ARG B 144 -1.50 21.25 1.62
CA ARG B 144 -2.79 21.53 0.97
C ARG B 144 -3.92 21.86 1.90
N TYR B 145 -3.85 21.41 3.16
CA TYR B 145 -4.98 21.61 4.08
C TYR B 145 -4.47 22.06 5.39
N PRO B 146 -4.09 23.37 5.49
CA PRO B 146 -3.53 23.75 6.77
C PRO B 146 -4.58 23.54 7.89
N GLY B 147 -4.11 23.17 9.07
CA GLY B 147 -5.02 22.96 10.22
C GLY B 147 -5.74 21.59 10.25
N SER B 148 -5.44 20.68 9.31
CA SER B 148 -6.18 19.39 9.21
C SER B 148 -5.59 18.28 10.05
N ILE B 149 -4.46 18.52 10.72
CA ILE B 149 -3.77 17.43 11.40
C ILE B 149 -3.73 17.74 12.89
N ALA B 150 -4.08 16.79 13.75
CA ALA B 150 -3.91 17.01 15.18
C ALA B 150 -3.13 15.89 15.80
N VAL B 151 -2.52 16.16 16.94
CA VAL B 151 -1.80 15.15 17.72
C VAL B 151 -2.35 15.23 19.16
N HIS B 152 -2.08 14.19 19.94
CA HIS B 152 -2.38 14.14 21.40
C HIS B 152 -1.33 14.80 22.29
N SER B 153 -0.06 14.76 21.92
CA SER B 153 1.05 15.42 22.69
C SER B 153 1.92 16.35 21.87
N LEU B 154 2.58 17.28 22.55
CA LEU B 154 3.64 18.10 21.94
C LEU B 154 4.87 17.23 21.71
N ALA B 155 5.16 16.33 22.61
CA ALA B 155 6.31 15.46 22.39
C ALA B 155 6.15 14.73 21.06
N GLN B 156 4.97 14.23 20.79
CA GLN B 156 4.84 13.48 19.57
C GLN B 156 4.93 14.43 18.36
N ALA B 157 4.36 15.64 18.47
CA ALA B 157 4.43 16.65 17.41
C ALA B 157 5.85 17.10 17.08
N ALA B 158 6.70 17.18 18.11
CA ALA B 158 8.13 17.55 17.96
C ALA B 158 8.99 16.50 17.23
N THR B 159 8.57 15.23 17.18
CA THR B 159 9.30 14.20 16.39
C THR B 159 9.12 14.37 14.88
N PHE B 160 8.29 15.33 14.45
CA PHE B 160 8.06 15.65 13.06
C PHE B 160 8.61 17.02 12.72
N PRO B 161 9.22 17.13 11.53
CA PRO B 161 9.76 18.42 11.10
C PRO B 161 8.68 19.53 10.98
N PHE B 162 7.42 19.17 10.76
CA PHE B 162 6.31 20.13 10.61
C PHE B 162 5.45 20.18 11.89
N GLY B 163 5.98 19.66 13.02
CA GLY B 163 5.23 19.61 14.27
C GLY B 163 4.55 20.87 14.81
N ASP B 164 5.15 22.01 14.55
CA ASP B 164 4.53 23.27 14.93
C ASP B 164 3.24 23.58 14.17
N ARG B 165 3.01 22.93 13.03
CA ARG B 165 1.80 23.22 12.25
C ARG B 165 0.65 22.23 12.51
N CYS B 166 0.87 21.32 13.44
CA CYS B 166 -0.13 20.42 13.95
C CYS B 166 -0.76 20.98 15.20
N LEU B 167 -2.04 20.72 15.40
CA LEU B 167 -2.72 21.13 16.62
C LEU B 167 -2.66 20.03 17.71
N CYS B 168 -2.43 20.41 18.96
CA CYS B 168 -2.51 19.48 20.07
C CYS B 168 -3.90 19.51 20.68
N ILE B 169 -4.52 18.35 20.80
CA ILE B 169 -5.85 18.28 21.40
C ILE B 169 -5.80 17.59 22.75
N GLY B 170 -4.62 17.08 23.18
CA GLY B 170 -4.45 16.42 24.48
C GLY B 170 -5.04 15.02 24.58
N ASN B 171 -5.41 14.66 25.79
CA ASN B 171 -5.96 13.35 26.11
C ASN B 171 -7.26 13.53 26.89
N ALA B 172 -8.16 12.58 26.76
CA ALA B 172 -9.44 12.64 27.45
C ALA B 172 -9.79 11.30 28.06
N LEU B 173 -10.67 11.36 29.02
CA LEU B 173 -11.12 10.15 29.65
C LEU B 173 -12.54 10.42 30.06
N ASP B 174 -13.38 9.39 29.99
CA ASP B 174 -14.78 9.46 30.48
C ASP B 174 -14.81 9.45 31.99
N LEU B 175 -14.64 10.64 32.58
CA LEU B 175 -14.49 10.81 34.03
C LEU B 175 -15.64 10.33 34.87
N ALA B 176 -16.85 10.36 34.29
CA ALA B 176 -18.04 9.79 34.87
C ALA B 176 -17.87 8.32 35.32
N ALA B 177 -17.03 7.56 34.64
CA ALA B 177 -16.84 6.14 34.95
C ALA B 177 -15.76 5.93 36.05
N TYR B 178 -15.20 6.99 36.60
CA TYR B 178 -14.08 6.87 37.55
C TYR B 178 -14.48 7.56 38.84
N GLY B 179 -14.52 6.80 39.92
CA GLY B 179 -14.88 7.27 41.23
C GLY B 179 -13.66 7.71 41.97
N PHE B 180 -13.75 8.91 42.50
CA PHE B 180 -12.70 9.44 43.39
C PHE B 180 -12.71 8.71 44.75
N ASN B 181 -11.57 8.25 45.18
CA ASN B 181 -11.46 7.53 46.45
C ASN B 181 -10.49 8.33 47.28
N PRO B 182 -10.99 9.08 48.29
CA PRO B 182 -10.02 9.88 49.08
C PRO B 182 -9.31 9.07 50.17
N GLU B 183 -9.78 7.85 50.45
CA GLU B 183 -9.30 7.01 51.58
C GLU B 183 -8.74 5.65 51.13
N PRO B 184 -7.47 5.60 50.72
CA PRO B 184 -6.94 4.34 50.17
C PRO B 184 -6.43 3.36 51.25
N GLU B 185 -6.30 2.10 50.90
CA GLU B 185 -5.54 1.10 51.67
C GLU B 185 -4.03 1.34 51.49
N PRO B 186 -3.19 0.83 52.43
CA PRO B 186 -1.73 0.95 52.32
C PRO B 186 -1.13 -0.11 51.33
N VAL B 187 -1.40 0.10 50.04
CA VAL B 187 -0.99 -0.78 49.00
C VAL B 187 -0.65 0.10 47.76
N LEU B 188 0.19 -0.45 46.94
CA LEU B 188 0.53 0.12 45.68
C LEU B 188 -0.10 -0.69 44.60
N GLY B 189 -0.32 -0.05 43.45
CA GLY B 189 -0.80 -0.68 42.27
C GLY B 189 0.16 -0.61 41.06
N TRP B 190 -0.05 -1.52 40.11
CA TRP B 190 0.72 -1.57 38.89
C TRP B 190 -0.21 -2.15 37.86
N VAL B 191 -0.20 -1.57 36.66
CA VAL B 191 -1.13 -1.94 35.60
C VAL B 191 -0.33 -2.29 34.37
N GLY B 192 -0.54 -3.50 33.85
CA GLY B 192 0.11 -3.92 32.62
C GLY B 192 0.15 -5.44 32.52
N ARG B 193 0.71 -5.92 31.41
CA ARG B 193 0.95 -7.34 31.16
C ARG B 193 1.86 -7.97 32.21
N ILE B 194 1.37 -9.04 32.83
CA ILE B 194 2.17 -9.77 33.83
C ILE B 194 3.05 -10.70 33.04
N ALA B 195 4.18 -10.17 32.61
CA ALA B 195 5.12 -10.85 31.72
C ALA B 195 6.51 -10.28 31.99
N PRO B 196 7.54 -11.03 31.60
CA PRO B 196 8.91 -10.55 31.79
C PRO B 196 9.19 -9.28 30.93
N GLU B 197 10.17 -8.46 31.28
CA GLU B 197 10.50 -7.28 30.40
C GLU B 197 9.45 -6.15 30.43
N LYS B 198 8.69 -6.07 31.55
CA LYS B 198 7.66 -5.02 31.71
C LYS B 198 7.94 -4.11 32.88
N GLY B 199 9.10 -4.30 33.52
CA GLY B 199 9.44 -3.58 34.72
C GLY B 199 8.67 -3.99 35.94
N LEU B 200 7.97 -5.13 35.90
CA LEU B 200 7.26 -5.59 37.08
C LEU B 200 8.21 -5.94 38.21
N GLU B 201 9.38 -6.46 37.93
CA GLU B 201 10.30 -6.84 39.00
C GLU B 201 10.74 -5.60 39.76
N ASP B 202 11.00 -4.53 39.02
CA ASP B 202 11.40 -3.25 39.65
C ASP B 202 10.31 -2.75 40.56
N ALA B 203 9.07 -2.83 40.11
CA ALA B 203 7.92 -2.37 40.96
C ALA B 203 7.85 -3.24 42.21
N ILE B 204 7.89 -4.56 42.04
CA ILE B 204 7.80 -5.48 43.19
C ILE B 204 8.86 -5.19 44.25
N GLN B 205 10.12 -5.09 43.81
CA GLN B 205 11.24 -4.96 44.73
C GLN B 205 11.17 -3.64 45.47
N ALA B 206 10.76 -2.58 44.77
CA ALA B 206 10.58 -1.28 45.46
C ALA B 206 9.38 -1.24 46.40
N ALA B 207 8.26 -1.84 46.03
CA ALA B 207 7.15 -1.92 46.96
C ALA B 207 7.52 -2.68 48.24
N GLN B 208 8.09 -3.86 48.05
CA GLN B 208 8.47 -4.70 49.16
C GLN B 208 9.49 -3.95 50.09
N GLN B 209 10.53 -3.39 49.51
CA GLN B 209 11.52 -2.63 50.28
C GLN B 209 10.87 -1.42 50.97
N ALA B 210 9.88 -0.79 50.33
CA ALA B 210 9.11 0.26 51.00
C ALA B 210 8.13 -0.25 52.06
N GLY B 211 7.84 -1.54 52.07
CA GLY B 211 6.96 -2.18 53.05
C GLY B 211 5.48 -2.31 52.65
N LEU B 212 5.17 -2.26 51.35
CA LEU B 212 3.75 -2.18 50.95
C LEU B 212 3.41 -3.27 49.94
N PRO B 213 2.28 -3.98 50.10
CA PRO B 213 1.99 -4.98 49.05
C PRO B 213 1.77 -4.29 47.67
N LEU B 214 2.01 -5.01 46.59
CA LEU B 214 1.72 -4.54 45.24
C LEU B 214 0.52 -5.30 44.71
N ARG B 215 -0.54 -4.58 44.33
CA ARG B 215 -1.61 -5.20 43.55
C ARG B 215 -1.35 -5.01 42.07
N VAL B 216 -1.55 -6.04 41.25
CA VAL B 216 -1.40 -5.93 39.78
C VAL B 216 -2.65 -6.24 39.02
N TRP B 217 -2.86 -5.49 37.92
CA TRP B 217 -3.96 -5.68 37.02
C TRP B 217 -3.40 -5.88 35.64
N GLY B 218 -3.79 -6.97 35.00
CA GLY B 218 -3.42 -7.28 33.64
C GLY B 218 -3.37 -8.79 33.35
N ALA B 219 -2.85 -9.12 32.17
CA ALA B 219 -2.97 -10.45 31.56
C ALA B 219 -1.79 -11.35 31.88
N LEU B 220 -2.07 -12.56 32.39
CA LEU B 220 -1.03 -13.56 32.59
C LEU B 220 -0.95 -14.54 31.39
N THR B 221 0.21 -14.54 30.73
CA THR B 221 0.49 -15.41 29.62
C THR B 221 1.28 -16.65 30.02
N GLU B 222 2.20 -16.52 30.96
CA GLU B 222 2.99 -17.67 31.41
C GLU B 222 2.93 -17.79 32.92
N PRO B 223 2.14 -18.74 33.37
CA PRO B 223 2.19 -19.16 34.72
C PRO B 223 3.57 -19.49 35.29
N ASP B 224 4.48 -20.04 34.50
CA ASP B 224 5.84 -20.19 35.08
C ASP B 224 6.46 -18.85 35.56
N TYR B 225 6.20 -17.76 34.83
CA TYR B 225 6.64 -16.41 35.28
C TYR B 225 6.09 -16.04 36.67
N TRP B 226 4.79 -16.31 36.86
CA TRP B 226 4.20 -16.09 38.16
C TRP B 226 4.97 -16.79 39.22
N GLN B 227 5.37 -18.05 38.96
CA GLN B 227 6.19 -18.81 39.92
C GLN B 227 7.56 -18.31 40.13
N ARG B 228 8.21 -17.85 39.05
CA ARG B 228 9.52 -17.29 39.18
C ARG B 228 9.46 -16.09 40.08
N LEU B 229 8.43 -15.27 39.92
CA LEU B 229 8.24 -14.07 40.76
C LEU B 229 8.12 -14.42 42.26
N GLN B 230 7.28 -15.40 42.53
CA GLN B 230 7.20 -15.95 43.88
C GLN B 230 8.53 -16.48 44.40
N GLN B 231 9.29 -17.19 43.59
CA GLN B 231 10.58 -17.66 44.05
C GLN B 231 11.55 -16.51 44.25
N GLN B 232 11.50 -15.45 43.44
CA GLN B 232 12.41 -14.33 43.73
C GLN B 232 12.00 -13.51 44.97
N PHE B 233 10.71 -13.27 45.13
CA PHE B 233 10.29 -12.23 46.02
C PHE B 233 9.32 -12.71 47.09
N GLY B 234 9.04 -14.00 47.16
CA GLY B 234 8.15 -14.59 48.18
C GLY B 234 6.71 -14.53 47.71
N ASP B 235 5.78 -15.14 48.44
CA ASP B 235 4.34 -15.03 48.00
C ASP B 235 3.49 -13.93 48.63
N ARG B 236 4.05 -13.00 49.38
CA ARG B 236 3.27 -11.82 49.83
C ARG B 236 3.65 -10.57 48.99
N ALA B 237 4.31 -10.80 47.86
CA ALA B 237 5.03 -9.73 47.14
C ALA B 237 4.06 -8.97 46.24
N VAL B 238 3.36 -9.76 45.44
CA VAL B 238 2.48 -9.35 44.38
C VAL B 238 1.09 -10.07 44.50
N SER B 239 -0.01 -9.33 44.36
CA SER B 239 -1.38 -9.86 44.48
C SER B 239 -2.16 -9.64 43.18
N TYR B 240 -2.56 -10.72 42.52
CA TYR B 240 -3.27 -10.65 41.26
C TYR B 240 -4.69 -10.13 41.40
N GLN B 241 -4.99 -9.00 40.80
CA GLN B 241 -6.29 -8.43 40.95
C GLN B 241 -7.18 -8.69 39.76
N GLY B 242 -6.66 -9.16 38.67
CA GLY B 242 -7.53 -9.50 37.56
C GLY B 242 -7.04 -8.89 36.28
N PHE B 243 -7.70 -9.29 35.20
CA PHE B 243 -7.54 -8.72 33.85
C PHE B 243 -8.44 -7.48 33.94
N VAL B 244 -9.75 -7.74 33.91
CA VAL B 244 -10.79 -6.91 34.58
C VAL B 244 -11.22 -5.61 33.82
N SER B 245 -12.53 -5.32 33.87
CA SER B 245 -13.19 -4.21 33.15
C SER B 245 -12.78 -2.86 33.68
N THR B 246 -13.17 -1.83 32.93
CA THR B 246 -12.94 -0.44 33.33
C THR B 246 -13.53 -0.16 34.71
N ASP B 247 -14.85 -0.39 34.82
CA ASP B 247 -15.51 -0.18 36.10
C ASP B 247 -14.81 -0.99 37.22
N GLU B 248 -14.47 -2.26 36.95
CA GLU B 248 -13.74 -3.06 37.95
C GLU B 248 -12.33 -2.42 38.22
N LEU B 249 -11.64 -1.98 37.19
CA LEU B 249 -10.26 -1.49 37.33
C LEU B 249 -10.21 -0.21 38.19
N GLN B 250 -11.15 0.69 37.94
CA GLN B 250 -11.21 1.94 38.67
C GLN B 250 -11.52 1.77 40.19
N ARG B 251 -12.51 0.94 40.61
CA ARG B 251 -12.73 0.80 42.07
C ARG B 251 -11.48 0.13 42.68
N GLY B 252 -10.91 -0.89 42.02
CA GLY B 252 -9.66 -1.52 42.46
C GLY B 252 -8.52 -0.55 42.57
N LEU B 253 -8.21 0.18 41.51
CA LEU B 253 -7.02 1.03 41.47
C LEU B 253 -7.17 2.13 42.44
N GLY B 254 -8.39 2.64 42.57
CA GLY B 254 -8.69 3.80 43.44
C GLY B 254 -8.36 3.56 44.91
N ARG B 255 -8.31 2.31 45.32
CA ARG B 255 -7.95 1.96 46.72
C ARG B 255 -6.48 1.96 46.99
N CYS B 256 -5.64 2.19 45.96
CA CYS B 256 -4.17 2.24 46.12
C CYS B 256 -3.67 3.59 46.60
N GLN B 257 -2.63 3.61 47.41
CA GLN B 257 -1.95 4.84 47.79
C GLN B 257 -1.19 5.48 46.61
N GLY B 258 -0.75 4.66 45.66
CA GLY B 258 -0.07 5.16 44.43
C GLY B 258 -0.04 4.06 43.38
N LEU B 259 0.08 4.51 42.16
CA LEU B 259 0.30 3.70 41.02
C LEU B 259 1.80 3.76 40.67
N LEU B 260 2.46 2.59 40.51
CA LEU B 260 3.82 2.56 39.99
C LEU B 260 3.79 2.31 38.54
N THR B 262 6.42 1.46 35.41
CA THR B 262 7.81 1.11 35.13
C THR B 262 8.06 0.50 33.78
N PRO B 263 7.40 1.01 32.75
CA PRO B 263 7.49 0.38 31.44
C PRO B 263 8.75 0.79 30.69
N LYS B 264 9.14 -0.07 29.76
CA LYS B 264 10.21 0.23 28.76
C LYS B 264 9.74 1.42 27.96
N TRP B 265 10.70 2.18 27.45
CA TRP B 265 10.37 3.45 26.74
C TRP B 265 9.36 3.29 25.60
N VAL B 266 9.45 2.17 24.89
CA VAL B 266 8.54 1.91 23.77
C VAL B 266 7.07 1.59 24.17
N GLU B 267 6.85 1.29 25.44
CA GLU B 267 5.54 1.03 25.98
C GLU B 267 5.17 2.15 27.00
N ALA B 268 5.84 3.31 26.97
CA ALA B 268 5.61 4.38 27.97
C ALA B 268 4.47 5.29 27.55
N PHE B 269 3.26 4.75 27.41
CA PHE B 269 2.04 5.54 27.13
C PHE B 269 1.52 6.19 28.45
N GLY B 270 0.83 7.32 28.32
CA GLY B 270 0.26 8.05 29.45
C GLY B 270 -1.15 7.61 29.87
N ASN B 271 -1.82 6.76 29.06
CA ASN B 271 -3.24 6.39 29.30
C ASN B 271 -3.58 6.00 30.78
N VAL B 272 -2.83 5.06 31.35
CA VAL B 272 -3.12 4.53 32.66
C VAL B 272 -2.88 5.57 33.75
N ALA B 273 -1.95 6.49 33.51
CA ALA B 273 -1.70 7.56 34.46
C ALA B 273 -2.93 8.44 34.68
N ILE B 274 -3.65 8.72 33.59
CA ILE B 274 -4.85 9.55 33.60
C ILE B 274 -5.95 8.85 34.42
N GLU B 275 -6.11 7.57 34.15
CA GLU B 275 -7.04 6.71 34.91
C GLU B 275 -6.73 6.72 36.40
N ALA B 276 -5.46 6.62 36.75
CA ALA B 276 -5.07 6.78 38.15
C ALA B 276 -5.46 8.13 38.77
N LEU B 277 -5.03 9.23 38.19
CA LEU B 277 -5.44 10.55 38.67
C LEU B 277 -6.96 10.70 38.82
N ALA B 278 -7.70 10.21 37.86
CA ALA B 278 -9.13 10.28 37.95
C ALA B 278 -9.75 9.61 39.18
N CYS B 279 -9.10 8.59 39.73
CA CYS B 279 -9.53 7.96 40.96
C CYS B 279 -8.97 8.65 42.20
N GLY B 280 -8.14 9.67 42.01
CA GLY B 280 -7.45 10.36 43.12
C GLY B 280 -6.15 9.67 43.56
N LEU B 281 -5.58 8.90 42.65
CA LEU B 281 -4.40 8.11 42.92
C LEU B 281 -3.13 8.76 42.31
N PRO B 282 -2.17 9.17 43.14
CA PRO B 282 -0.98 9.79 42.60
C PRO B 282 -0.15 8.80 41.84
N VAL B 283 0.71 9.28 40.93
CA VAL B 283 1.47 8.35 40.06
C VAL B 283 2.95 8.49 40.19
N ILE B 284 3.67 7.37 40.41
CA ILE B 284 5.15 7.35 40.39
C ILE B 284 5.54 6.65 39.10
N ALA B 285 6.21 7.38 38.24
CA ALA B 285 6.51 6.92 36.90
C ALA B 285 7.91 7.25 36.49
N TYR B 286 8.45 6.41 35.64
CA TYR B 286 9.73 6.72 35.04
C TYR B 286 9.60 8.02 34.25
N ALA B 287 10.62 8.89 34.37
CA ALA B 287 10.54 10.23 33.84
C ALA B 287 10.85 10.22 32.37
N ARG B 288 10.04 9.53 31.58
CA ARG B 288 10.24 9.57 30.14
C ARG B 288 8.95 9.19 29.47
N GLY B 289 8.76 9.71 28.26
CA GLY B 289 7.55 9.44 27.47
C GLY B 289 6.26 10.08 27.94
N GLY B 290 5.14 9.35 27.77
CA GLY B 290 3.77 9.88 28.06
C GLY B 290 3.58 10.49 29.43
N PRO B 291 4.13 9.84 30.49
CA PRO B 291 3.93 10.40 31.84
C PRO B 291 4.47 11.79 32.06
N LEU B 292 5.55 12.15 31.38
CA LEU B 292 6.08 13.50 31.46
C LEU B 292 5.09 14.57 31.08
N GLU B 293 4.07 14.26 30.30
CA GLU B 293 3.04 15.27 30.00
C GLU B 293 1.79 15.20 30.89
N ILE B 294 1.68 14.16 31.70
CA ILE B 294 0.44 13.95 32.46
C ILE B 294 0.67 14.42 33.89
N ILE B 295 1.82 14.08 34.44
CA ILE B 295 2.09 14.17 35.87
C ILE B 295 2.80 15.46 36.13
N GLU B 296 2.39 16.09 37.20
CA GLU B 296 2.95 17.34 37.65
C GLU B 296 3.82 16.98 38.86
N GLN B 297 5.13 17.11 38.65
CA GLN B 297 6.15 16.75 39.62
C GLN B 297 5.91 17.32 40.99
N GLY B 298 5.94 16.49 42.02
CA GLY B 298 5.66 16.93 43.40
C GLY B 298 4.21 17.34 43.74
N LYS B 299 3.28 17.11 42.82
CA LYS B 299 1.91 17.55 43.01
C LYS B 299 0.88 16.43 42.75
N SER B 300 0.92 15.84 41.56
CA SER B 300 0.11 14.70 41.18
C SER B 300 0.91 13.40 41.05
N GLY B 301 2.18 13.43 41.41
CA GLY B 301 3.03 12.27 41.30
C GLY B 301 4.50 12.59 41.45
N TRP B 302 5.32 11.56 41.22
CA TRP B 302 6.73 11.73 41.15
C TRP B 302 7.27 11.10 39.90
N LEU B 303 8.06 11.87 39.16
CA LEU B 303 8.80 11.39 37.97
C LEU B 303 10.22 11.02 38.37
N VAL B 304 10.58 9.75 38.30
CA VAL B 304 11.89 9.29 38.77
C VAL B 304 12.75 8.78 37.64
N GLU B 305 14.04 8.61 37.94
CA GLU B 305 15.03 8.11 37.01
C GLU B 305 14.75 6.60 36.74
N PRO B 306 14.72 6.17 35.47
CA PRO B 306 14.47 4.76 35.09
C PRO B 306 15.43 3.80 35.71
N ASP B 307 14.91 2.61 36.07
CA ASP B 307 15.72 1.44 36.51
C ASP B 307 16.58 1.66 37.73
N GLN B 308 16.14 2.50 38.65
CA GLN B 308 16.91 2.76 39.85
C GLN B 308 15.99 2.58 41.05
N GLN B 309 16.23 1.49 41.77
CA GLN B 309 15.48 1.15 42.94
C GLN B 309 15.35 2.27 43.91
N ALA B 310 16.45 2.91 44.24
CA ALA B 310 16.45 3.95 45.30
C ALA B 310 15.50 5.08 44.94
N ALA B 311 15.45 5.43 43.65
CA ALA B 311 14.52 6.51 43.16
C ALA B 311 13.09 6.10 43.31
N LEU B 312 12.74 4.85 42.96
CA LEU B 312 11.38 4.37 43.29
C LEU B 312 11.08 4.41 44.79
N VAL B 313 11.98 3.90 45.59
CA VAL B 313 11.75 3.85 47.04
C VAL B 313 11.67 5.26 47.69
N ASN B 314 12.57 6.14 47.28
CA ASN B 314 12.47 7.53 47.78
C ASN B 314 11.09 8.15 47.40
N ALA B 315 10.64 7.91 46.15
CA ALA B 315 9.32 8.39 45.76
C ALA B 315 8.15 7.79 46.55
N ILE B 316 8.14 6.48 46.75
CA ILE B 316 7.08 5.85 47.48
C ILE B 316 6.99 6.42 48.88
N GLY B 317 8.14 6.69 49.48
CA GLY B 317 8.19 7.24 50.82
C GLY B 317 7.60 8.63 50.90
N GLN B 318 7.48 9.33 49.77
CA GLN B 318 6.93 10.66 49.78
C GLN B 318 5.53 10.74 49.19
N LEU B 319 4.78 9.64 49.13
CA LEU B 319 3.40 9.69 48.59
C LEU B 319 2.47 10.50 49.44
N SER B 320 2.69 10.51 50.74
CA SER B 320 1.83 11.31 51.62
C SER B 320 1.99 12.81 51.41
N SER B 321 3.03 13.31 50.77
CA SER B 321 3.05 14.75 50.49
C SER B 321 2.08 15.22 49.33
N LEU B 322 1.39 14.29 48.67
CA LEU B 322 0.59 14.59 47.50
C LEU B 322 -0.87 14.53 47.93
N ASP B 323 -1.66 15.48 47.48
CA ASP B 323 -3.09 15.56 47.84
C ASP B 323 -3.93 14.83 46.78
N ARG B 324 -4.70 13.84 47.23
CA ARG B 324 -5.45 13.00 46.33
C ARG B 324 -6.56 13.77 45.63
N ALA B 325 -7.15 14.74 46.33
CA ALA B 325 -8.16 15.63 45.71
C ALA B 325 -7.58 16.53 44.61
N TYR B 326 -6.33 16.91 44.74
CA TYR B 326 -5.67 17.64 43.69
C TYR B 326 -5.43 16.77 42.42
N CYS B 327 -5.05 15.50 42.58
CA CYS B 327 -5.00 14.59 41.44
C CYS B 327 -6.33 14.50 40.67
N ARG B 328 -7.41 14.33 41.40
CA ARG B 328 -8.72 14.27 40.81
C ARG B 328 -9.07 15.58 40.15
N ALA B 329 -8.76 16.69 40.83
CA ALA B 329 -9.06 18.04 40.29
C ALA B 329 -8.34 18.30 38.95
N GLN B 330 -7.11 17.80 38.84
CA GLN B 330 -6.31 17.91 37.61
C GLN B 330 -6.87 17.11 36.48
N ALA B 331 -7.34 15.91 36.79
CA ALA B 331 -8.01 15.09 35.82
C ALA B 331 -9.30 15.77 35.34
N GLU B 332 -10.12 16.30 36.25
CA GLU B 332 -11.35 17.00 35.86
C GLU B 332 -11.03 18.20 34.93
N ALA B 333 -9.96 18.93 35.22
CA ALA B 333 -9.60 20.13 34.44
C ALA B 333 -8.93 19.80 33.11
N ARG B 334 -8.03 18.84 33.10
CA ARG B 334 -7.25 18.51 31.92
C ARG B 334 -7.77 17.46 30.99
N PHE B 335 -8.49 16.48 31.53
CA PHE B 335 -8.65 15.24 30.79
C PHE B 335 -10.10 14.88 30.70
N SER B 336 -11.00 15.82 30.93
CA SER B 336 -12.39 15.52 30.85
C SER B 336 -12.84 15.52 29.40
N LEU B 337 -14.00 14.92 29.16
CA LEU B 337 -14.69 14.99 27.86
C LEU B 337 -15.17 16.35 27.50
N ALA B 338 -15.59 17.08 28.52
CA ALA B 338 -15.87 18.54 28.37
C ALA B 338 -14.67 19.30 27.81
N ALA B 339 -13.49 19.16 28.45
CA ALA B 339 -12.28 19.85 27.96
C ALA B 339 -11.99 19.40 26.50
N GLY B 341 -14.08 18.06 24.19
CA GLY B 341 -15.02 18.48 23.23
C GLY B 341 -14.71 19.86 22.72
N GLN B 342 -14.26 20.74 23.62
CA GLN B 342 -14.02 22.15 23.25
C GLN B 342 -12.82 22.24 22.35
N ARG B 343 -11.78 21.47 22.67
CA ARG B 343 -10.59 21.38 21.84
C ARG B 343 -10.93 20.79 20.42
N LEU B 344 -11.84 19.80 20.35
CA LEU B 344 -12.27 19.23 19.05
C LEU B 344 -12.97 20.26 18.21
N GLU B 345 -13.95 20.90 18.82
CA GLU B 345 -14.64 21.99 18.14
C GLU B 345 -13.71 23.13 17.59
N ALA B 346 -12.77 23.56 18.41
CA ALA B 346 -11.81 24.61 18.01
C ALA B 346 -11.06 24.14 16.74
N TRP B 347 -10.57 22.90 16.80
CA TRP B 347 -9.86 22.25 15.72
C TRP B 347 -10.67 22.07 14.44
N LEU B 348 -11.82 21.45 14.59
CA LEU B 348 -12.60 20.96 13.46
C LEU B 348 -13.50 21.97 12.80
N LEU B 349 -14.18 22.79 13.58
CA LEU B 349 -15.21 23.67 13.02
C LEU B 349 -14.68 24.67 11.90
N PRO B 350 -13.46 25.21 12.04
CA PRO B 350 -12.94 25.97 10.90
C PRO B 350 -12.73 25.14 9.60
N LEU B 351 -12.63 23.81 9.72
CA LEU B 351 -12.48 22.93 8.57
C LEU B 351 -13.79 22.67 7.85
N LEU B 352 -14.94 22.94 8.46
CA LEU B 352 -16.24 22.72 7.83
C LEU B 352 -16.49 23.75 6.73
N SER B 353 -17.04 23.27 5.61
CA SER B 353 -17.10 23.93 4.25
C SER B 353 -15.77 23.93 3.47
#